data_7B80
#
_entry.id   7B80
#
_cell.length_a   95.000
_cell.length_b   103.890
_cell.length_c   104.790
_cell.angle_alpha   90.000
_cell.angle_beta   90.000
_cell.angle_gamma   90.000
#
_symmetry.space_group_name_H-M   'P 21 21 21'
#
loop_
_entity.id
_entity.type
_entity.pdbx_description
1 polymer 'Endoplasmic reticulum chaperone BiP'
2 polymer 'Protein adenylyltransferase FICD'
3 non-polymer 'ADENOSINE MONOPHOSPHATE'
4 non-polymer 'MAGNESIUM ION'
5 non-polymer 'PHOSPHATE ION'
6 non-polymer 'POTASSIUM ION'
7 non-polymer 3,6,9,12,15,18-HEXAOXAICOSANE-1,20-DIOL
8 non-polymer DI(HYDROXYETHYL)ETHER
9 water water
#
loop_
_entity_poly.entity_id
_entity_poly.type
_entity_poly.pdbx_seq_one_letter_code
_entity_poly.pdbx_strand_id
1 'polypeptide(L)'
;SGTVVGIDLGTTYSCVGVFKNGRVEIIANDQGNRITPSYVAFTPEGERLIGDAAKNQLTSNPENTVFDAKRLIGRTWNDP
SVQQDIKFLPFKVVEKKTKPYIQVDIGGGQTKTFAPEEISAMVLTKMKETAEAYLGKKVTHAVVTVPAYFNDAQRQATKD
AGTIAGLNVMRIINEPTAAAIAYGLDKREGEKNILVFDLGGGAFDVSLLTIDNGVFEVVATNGDTHLGGEDFDQRVMEHF
IKLYKKKTGKDVRKDNRAVQKLRREVEKAKRALSSQHQARIEIESFFEGEDFSETLTRAKFEELNMDLFRSTMKPVQKVL
EDSDLKKSDIDEIVLVGGSTRIPKIQQLVKEFFNGKEPSRGINPDEAVAYGAAVQAGVLSGDQDTGDLVLLDVCPLTLGI
ETVGGVMTKLIPRNTVVPTKKSQIFSTASDNQPTFTIKVYEGERPLTKDNHLLGTFDLTGIPPAPRGVPQIEVTFEIDVN
GILRVTAEDKGTGNKNKITITNDQNRLTPEEIERMVNDAEKFA
;
B
2 'polypeptide(L)'
;SLEARAALNQALEMKRQGKREKAQKLFMHALKMDPDFVDALTEFGIFSEEDKDIIQADYLYTRALTISPYHEKALVNRDR
TLPLVEEIDQRYFSIIDSKVKKVMSIPKGNSALRRVMEETYYHHIYHTVAIEGNTLTLSEIRHILETRYAVPGKSDEEQN
EVIGMHAAMKYINTTLVSRIGSVTISDVLEIHRRVLGYVDPVEAGRFRTTQVLVGHHIPPHPQDVEKQMQEFVQWLNSEE
AMNLHPVEFAALAHYKLVYIAPFIDGNGRTSRLLMNLILMQAGYPPITIRKEQRSDYYHVLEAANEGDVRPFIRFIAKCT
ETTLDTLLFATTEYSVALPEAQP
;
A
#
loop_
_chem_comp.id
_chem_comp.type
_chem_comp.name
_chem_comp.formula
AMP non-polymer 'ADENOSINE MONOPHOSPHATE' 'C10 H14 N5 O7 P'
K non-polymer 'POTASSIUM ION' 'K 1'
MG non-polymer 'MAGNESIUM ION' 'Mg 2'
P33 non-polymer 3,6,9,12,15,18-HEXAOXAICOSANE-1,20-DIOL 'C14 H30 O8'
PEG non-polymer DI(HYDROXYETHYL)ETHER 'C4 H10 O3'
PO4 non-polymer 'PHOSPHATE ION' 'O4 P -3'
#
# COMPACT_ATOMS: atom_id res chain seq x y z
N SER A 1 -14.45 -16.21 17.11
CA SER A 1 -12.97 -16.43 16.99
C SER A 1 -12.60 -17.82 17.51
N GLY A 2 -13.08 -18.19 18.70
CA GLY A 2 -12.78 -19.50 19.34
C GLY A 2 -11.28 -19.71 19.52
N THR A 3 -10.76 -20.88 19.14
CA THR A 3 -9.32 -21.22 19.16
C THR A 3 -8.71 -20.96 17.78
N VAL A 4 -7.87 -19.93 17.66
CA VAL A 4 -7.25 -19.48 16.38
C VAL A 4 -5.96 -20.27 16.17
N VAL A 5 -5.85 -20.96 15.04
CA VAL A 5 -4.70 -21.86 14.70
C VAL A 5 -3.78 -21.13 13.72
N GLY A 6 -2.50 -21.48 13.74
CA GLY A 6 -1.48 -21.00 12.80
C GLY A 6 -1.17 -22.06 11.78
N ILE A 7 -1.27 -21.75 10.49
CA ILE A 7 -1.09 -22.75 9.41
C ILE A 7 0.01 -22.28 8.45
N ASP A 8 1.11 -23.01 8.41
CA ASP A 8 2.10 -22.97 7.30
C ASP A 8 1.49 -23.75 6.14
N LEU A 9 0.96 -23.04 5.15
CA LEU A 9 0.47 -23.66 3.89
C LEU A 9 1.65 -23.72 2.92
N GLY A 10 2.39 -24.83 2.97
CA GLY A 10 3.66 -24.98 2.25
C GLY A 10 3.47 -25.50 0.84
N THR A 11 4.43 -25.26 -0.04
CA THR A 11 4.43 -25.77 -1.43
C THR A 11 4.29 -27.30 -1.40
N THR A 12 5.15 -27.96 -0.61
CA THR A 12 5.28 -29.44 -0.56
C THR A 12 4.69 -29.95 0.76
N TYR A 13 5.06 -29.34 1.88
CA TYR A 13 4.64 -29.76 3.24
C TYR A 13 3.94 -28.59 3.95
N SER A 14 2.83 -28.89 4.61
CA SER A 14 2.09 -27.93 5.47
C SER A 14 2.21 -28.38 6.93
N CYS A 15 1.98 -27.44 7.84
CA CYS A 15 2.20 -27.63 9.30
C CYS A 15 1.21 -26.70 10.03
N VAL A 16 0.64 -27.17 11.13
CA VAL A 16 -0.36 -26.38 11.92
C VAL A 16 0.06 -26.41 13.39
N GLY A 17 -0.02 -25.25 14.04
CA GLY A 17 0.24 -25.09 15.48
C GLY A 17 -0.85 -24.27 16.13
N VAL A 18 -0.92 -24.35 17.46
CA VAL A 18 -1.89 -23.57 18.28
C VAL A 18 -1.15 -23.05 19.50
N PHE A 19 -1.38 -21.78 19.85
CA PHE A 19 -0.87 -21.15 21.09
C PHE A 19 -1.89 -21.41 22.21
N LYS A 20 -1.48 -22.17 23.22
CA LYS A 20 -2.37 -22.61 24.32
C LYS A 20 -1.51 -22.77 25.58
N ASN A 21 -2.04 -22.32 26.73
CA ASN A 21 -1.39 -22.45 28.07
C ASN A 21 0.07 -21.96 27.98
N GLY A 22 0.29 -20.81 27.32
CA GLY A 22 1.55 -20.05 27.39
C GLY A 22 2.52 -20.33 26.26
N ARG A 23 2.36 -21.44 25.52
CA ARG A 23 3.37 -21.90 24.53
C ARG A 23 2.70 -22.43 23.26
N VAL A 24 3.51 -22.66 22.22
CA VAL A 24 3.09 -23.23 20.91
C VAL A 24 3.11 -24.76 21.00
N GLU A 25 2.06 -25.40 20.50
CA GLU A 25 1.97 -26.86 20.24
C GLU A 25 1.83 -27.08 18.73
N ILE A 26 2.83 -27.67 18.10
CA ILE A 26 2.74 -28.18 16.70
C ILE A 26 1.95 -29.49 16.75
N ILE A 27 0.92 -29.63 15.92
CA ILE A 27 -0.10 -30.72 16.01
C ILE A 27 0.19 -31.81 14.97
N ALA A 28 0.43 -33.03 15.44
CA ALA A 28 0.59 -34.25 14.60
C ALA A 28 -0.74 -34.54 13.90
N ASN A 29 -0.69 -34.99 12.64
CA ASN A 29 -1.89 -35.39 11.85
C ASN A 29 -2.32 -36.79 12.30
N ASP A 30 -3.33 -37.36 11.63
CA ASP A 30 -3.98 -38.66 11.97
C ASP A 30 -2.97 -39.82 11.83
N GLN A 31 -1.81 -39.59 11.19
CA GLN A 31 -0.74 -40.60 10.95
C GLN A 31 0.40 -40.42 11.97
N GLY A 32 0.34 -39.37 12.81
CA GLY A 32 1.37 -39.03 13.81
C GLY A 32 2.46 -38.11 13.24
N ASN A 33 2.24 -37.52 12.06
CA ASN A 33 3.23 -36.67 11.36
C ASN A 33 2.95 -35.19 11.68
N ARG A 34 3.99 -34.47 12.12
CA ARG A 34 3.91 -33.04 12.52
C ARG A 34 3.92 -32.15 11.28
N ILE A 35 4.25 -32.71 10.10
CA ILE A 35 4.05 -32.04 8.78
C ILE A 35 3.21 -32.95 7.88
N THR A 36 2.44 -32.34 6.98
CA THR A 36 1.45 -32.99 6.09
C THR A 36 1.75 -32.60 4.65
N PRO A 37 1.90 -33.56 3.71
CA PRO A 37 2.10 -33.21 2.31
C PRO A 37 0.93 -32.37 1.77
N SER A 38 1.24 -31.32 1.02
CA SER A 38 0.26 -30.42 0.35
C SER A 38 -0.28 -31.13 -0.90
N TYR A 39 -0.90 -32.29 -0.69
CA TYR A 39 -1.34 -33.24 -1.75
C TYR A 39 -2.82 -33.54 -1.57
N VAL A 40 -3.56 -33.64 -2.69
CA VAL A 40 -4.93 -34.20 -2.73
C VAL A 40 -4.99 -35.25 -3.84
N ALA A 41 -5.89 -36.22 -3.71
CA ALA A 41 -6.09 -37.28 -4.71
C ALA A 41 -7.56 -37.72 -4.70
N PHE A 42 -8.06 -38.04 -5.89
CA PHE A 42 -9.37 -38.69 -6.10
C PHE A 42 -9.10 -40.12 -6.58
N THR A 43 -9.44 -41.11 -5.74
CA THR A 43 -9.31 -42.56 -6.06
C THR A 43 -10.37 -42.91 -7.11
N PRO A 44 -10.18 -43.99 -7.89
CA PRO A 44 -11.23 -44.46 -8.82
C PRO A 44 -12.59 -44.72 -8.16
N GLU A 45 -12.60 -45.02 -6.86
CA GLU A 45 -13.82 -45.34 -6.06
C GLU A 45 -14.52 -44.04 -5.63
N GLY A 46 -14.00 -42.88 -6.03
CA GLY A 46 -14.61 -41.56 -5.75
C GLY A 46 -14.21 -41.00 -4.40
N GLU A 47 -13.19 -41.59 -3.76
CA GLU A 47 -12.69 -41.19 -2.42
C GLU A 47 -11.70 -40.02 -2.58
N ARG A 48 -11.94 -38.92 -1.85
CA ARG A 48 -11.04 -37.73 -1.81
C ARG A 48 -10.01 -37.92 -0.68
N LEU A 49 -8.74 -38.04 -1.05
CA LEU A 49 -7.60 -38.16 -0.11
C LEU A 49 -6.89 -36.80 0.02
N ILE A 50 -6.45 -36.46 1.22
CA ILE A 50 -5.62 -35.23 1.49
C ILE A 50 -4.49 -35.62 2.44
N GLY A 51 -3.27 -35.17 2.13
CA GLY A 51 -2.09 -35.37 2.99
C GLY A 51 -1.31 -36.62 2.60
N ASP A 52 -0.85 -37.38 3.59
CA ASP A 52 0.03 -38.57 3.43
C ASP A 52 -0.66 -39.60 2.51
N ALA A 53 -1.95 -39.87 2.72
CA ALA A 53 -2.74 -40.85 1.94
C ALA A 53 -2.68 -40.50 0.46
N ALA A 54 -2.75 -39.20 0.12
CA ALA A 54 -2.78 -38.70 -1.28
C ALA A 54 -1.39 -38.84 -1.90
N LYS A 55 -0.33 -38.46 -1.17
CA LYS A 55 1.07 -38.55 -1.64
C LYS A 55 1.46 -40.02 -1.83
N ASN A 56 1.02 -40.90 -0.91
CA ASN A 56 1.42 -42.33 -0.85
C ASN A 56 0.93 -43.10 -2.09
N GLN A 57 -0.13 -42.66 -2.76
CA GLN A 57 -0.70 -43.38 -3.94
C GLN A 57 -0.41 -42.60 -5.23
N LEU A 58 0.53 -41.64 -5.20
CA LEU A 58 0.90 -40.78 -6.37
C LEU A 58 1.30 -41.66 -7.57
N THR A 59 2.14 -42.67 -7.35
CA THR A 59 2.80 -43.44 -8.43
C THR A 59 1.82 -44.41 -9.11
N SER A 60 0.75 -44.83 -8.41
CA SER A 60 -0.27 -45.77 -8.95
C SER A 60 -1.45 -45.00 -9.56
N ASN A 61 -1.65 -43.71 -9.21
CA ASN A 61 -2.81 -42.88 -9.65
C ASN A 61 -2.35 -41.46 -9.92
N PRO A 62 -1.33 -41.25 -10.78
CA PRO A 62 -0.70 -39.93 -10.93
C PRO A 62 -1.62 -38.86 -11.55
N GLU A 63 -2.42 -39.22 -12.55
CA GLU A 63 -3.31 -38.27 -13.29
C GLU A 63 -4.28 -37.59 -12.33
N ASN A 64 -4.70 -38.28 -11.26
CA ASN A 64 -5.76 -37.82 -10.32
C ASN A 64 -5.15 -37.54 -8.95
N THR A 65 -3.84 -37.33 -8.90
CA THR A 65 -3.09 -36.83 -7.72
C THR A 65 -2.65 -35.40 -8.01
N VAL A 66 -3.04 -34.44 -7.17
CA VAL A 66 -2.79 -32.99 -7.39
C VAL A 66 -1.87 -32.48 -6.27
N PHE A 67 -0.91 -31.62 -6.64
CA PHE A 67 0.06 -30.96 -5.74
C PHE A 67 0.62 -29.74 -6.48
N ASP A 68 1.55 -29.01 -5.86
CA ASP A 68 2.23 -27.84 -6.49
C ASP A 68 1.25 -26.66 -6.70
N ALA A 69 0.08 -26.66 -6.04
CA ALA A 69 -0.97 -25.64 -6.22
C ALA A 69 -0.43 -24.24 -5.85
N LYS A 70 0.45 -24.17 -4.85
CA LYS A 70 1.06 -22.90 -4.38
C LYS A 70 1.86 -22.23 -5.49
N ARG A 71 2.32 -22.99 -6.49
CA ARG A 71 3.07 -22.46 -7.66
C ARG A 71 2.12 -22.21 -8.84
N LEU A 72 0.81 -22.40 -8.64
CA LEU A 72 -0.24 -22.15 -9.67
C LEU A 72 -1.12 -20.96 -9.28
N ILE A 73 -1.42 -20.77 -7.98
CA ILE A 73 -2.33 -19.68 -7.50
C ILE A 73 -1.76 -18.32 -7.91
N GLY A 74 -2.65 -17.37 -8.25
CA GLY A 74 -2.31 -15.96 -8.51
C GLY A 74 -1.46 -15.80 -9.76
N ARG A 75 -1.51 -16.76 -10.68
CA ARG A 75 -0.71 -16.72 -11.92
C ARG A 75 -1.65 -16.86 -13.13
N THR A 76 -1.23 -16.30 -14.27
CA THR A 76 -1.90 -16.45 -15.58
C THR A 76 -1.43 -17.76 -16.23
N TRP A 77 -2.22 -18.26 -17.18
CA TRP A 77 -1.97 -19.51 -17.95
C TRP A 77 -0.58 -19.49 -18.58
N ASN A 78 -0.22 -18.37 -19.21
CA ASN A 78 0.98 -18.25 -20.09
C ASN A 78 2.21 -17.78 -19.29
N ASP A 79 2.12 -17.79 -17.95
CA ASP A 79 3.28 -17.55 -17.06
C ASP A 79 4.33 -18.62 -17.39
N PRO A 80 5.56 -18.25 -17.79
CA PRO A 80 6.58 -19.26 -18.13
C PRO A 80 6.81 -20.26 -16.99
N SER A 81 6.69 -19.81 -15.73
CA SER A 81 6.81 -20.63 -14.50
C SER A 81 5.75 -21.73 -14.46
N VAL A 82 4.52 -21.41 -14.87
CA VAL A 82 3.37 -22.38 -14.91
C VAL A 82 3.67 -23.45 -15.97
N GLN A 83 4.11 -23.01 -17.17
CA GLN A 83 4.45 -23.89 -18.31
C GLN A 83 5.65 -24.79 -17.94
N GLN A 84 6.61 -24.27 -17.18
CA GLN A 84 7.78 -25.04 -16.66
C GLN A 84 7.26 -26.24 -15.85
N ASP A 85 6.39 -25.97 -14.86
CA ASP A 85 5.90 -26.98 -13.88
C ASP A 85 5.03 -28.02 -14.58
N ILE A 86 4.19 -27.60 -15.54
CA ILE A 86 3.28 -28.51 -16.30
C ILE A 86 4.08 -29.74 -16.78
N LYS A 87 5.31 -29.54 -17.25
CA LYS A 87 6.17 -30.60 -17.85
C LYS A 87 6.44 -31.73 -16.85
N PHE A 88 6.33 -31.48 -15.55
CA PHE A 88 6.67 -32.43 -14.46
C PHE A 88 5.46 -32.73 -13.57
N LEU A 89 4.28 -32.21 -13.94
CA LEU A 89 3.02 -32.46 -13.19
C LEU A 89 2.20 -33.51 -13.95
N PRO A 90 1.67 -34.53 -13.24
CA PRO A 90 0.94 -35.63 -13.88
C PRO A 90 -0.53 -35.33 -14.20
N PHE A 91 -1.11 -34.33 -13.53
CA PHE A 91 -2.54 -33.94 -13.66
C PHE A 91 -2.67 -32.93 -14.82
N LYS A 92 -3.86 -32.92 -15.45
CA LYS A 92 -4.22 -32.00 -16.57
C LYS A 92 -4.34 -30.57 -16.02
N VAL A 93 -3.62 -29.61 -16.63
CA VAL A 93 -3.73 -28.16 -16.34
C VAL A 93 -4.35 -27.50 -17.58
N VAL A 94 -5.56 -26.97 -17.43
CA VAL A 94 -6.38 -26.40 -18.55
C VAL A 94 -6.50 -24.88 -18.35
N GLU A 95 -6.51 -24.13 -19.44
CA GLU A 95 -6.72 -22.65 -19.42
C GLU A 95 -8.21 -22.37 -19.21
N LYS A 96 -8.55 -21.74 -18.09
CA LYS A 96 -9.90 -21.22 -17.77
C LYS A 96 -9.75 -19.81 -17.21
N LYS A 97 -10.32 -18.83 -17.92
CA LYS A 97 -10.26 -17.38 -17.57
C LYS A 97 -8.79 -16.93 -17.52
N THR A 98 -7.99 -17.40 -18.49
CA THR A 98 -6.55 -17.07 -18.68
C THR A 98 -5.74 -17.49 -17.45
N LYS A 99 -6.22 -18.47 -16.69
CA LYS A 99 -5.59 -18.97 -15.44
C LYS A 99 -5.49 -20.50 -15.51
N PRO A 100 -4.47 -21.11 -14.88
CA PRO A 100 -4.35 -22.57 -14.85
C PRO A 100 -5.36 -23.21 -13.87
N TYR A 101 -6.29 -23.99 -14.41
CA TYR A 101 -7.25 -24.82 -13.63
C TYR A 101 -6.83 -26.29 -13.74
N ILE A 102 -7.25 -27.11 -12.77
CA ILE A 102 -6.81 -28.52 -12.61
C ILE A 102 -8.00 -29.44 -12.92
N GLN A 103 -7.87 -30.26 -13.97
CA GLN A 103 -8.91 -31.22 -14.42
C GLN A 103 -8.50 -32.63 -13.97
N VAL A 104 -9.39 -33.33 -13.26
CA VAL A 104 -9.15 -34.69 -12.68
C VAL A 104 -10.40 -35.56 -12.88
N ASP A 105 -10.21 -36.88 -12.95
CA ASP A 105 -11.28 -37.91 -12.84
C ASP A 105 -11.58 -38.11 -11.36
N ILE A 106 -12.75 -37.64 -10.89
CA ILE A 106 -13.12 -37.68 -9.44
C ILE A 106 -13.71 -39.05 -9.11
N GLY A 107 -14.06 -39.85 -10.13
CA GLY A 107 -14.50 -41.26 -9.97
C GLY A 107 -15.76 -41.55 -10.76
N GLY A 108 -15.96 -42.81 -11.16
CA GLY A 108 -17.16 -43.30 -11.88
C GLY A 108 -17.32 -42.65 -13.24
N GLY A 109 -16.21 -42.33 -13.92
CA GLY A 109 -16.18 -41.76 -15.28
C GLY A 109 -16.08 -40.25 -15.27
N GLN A 110 -16.92 -39.56 -14.49
CA GLN A 110 -17.09 -38.08 -14.53
C GLN A 110 -15.79 -37.38 -14.11
N THR A 111 -15.52 -36.24 -14.72
CA THR A 111 -14.36 -35.36 -14.44
C THR A 111 -14.85 -34.13 -13.66
N LYS A 112 -13.92 -33.27 -13.27
N LYS A 112 -13.92 -33.30 -13.22
CA LYS A 112 -14.17 -32.02 -12.51
CA LYS A 112 -14.23 -31.99 -12.59
C LYS A 112 -12.98 -31.08 -12.71
C LYS A 112 -12.99 -31.08 -12.72
N THR A 113 -13.23 -29.79 -12.98
CA THR A 113 -12.18 -28.75 -13.15
C THR A 113 -12.15 -27.89 -11.88
N PHE A 114 -10.97 -27.78 -11.25
CA PHE A 114 -10.75 -27.06 -9.98
C PHE A 114 -9.85 -25.83 -10.22
N ALA A 115 -10.21 -24.71 -9.58
CA ALA A 115 -9.30 -23.57 -9.36
C ALA A 115 -8.17 -24.02 -8.44
N PRO A 116 -6.92 -23.56 -8.63
CA PRO A 116 -5.82 -23.94 -7.74
C PRO A 116 -6.14 -23.55 -6.28
N GLU A 117 -6.88 -22.46 -6.07
CA GLU A 117 -7.40 -22.01 -4.74
C GLU A 117 -8.21 -23.15 -4.09
N GLU A 118 -8.92 -23.95 -4.88
CA GLU A 118 -9.78 -25.06 -4.37
C GLU A 118 -8.90 -26.20 -3.86
N ILE A 119 -7.78 -26.48 -4.54
CA ILE A 119 -6.80 -27.52 -4.10
C ILE A 119 -6.19 -27.07 -2.77
N SER A 120 -5.73 -25.82 -2.68
CA SER A 120 -5.16 -25.24 -1.42
C SER A 120 -6.23 -25.25 -0.31
N ALA A 121 -7.50 -24.98 -0.64
CA ALA A 121 -8.63 -25.01 0.32
C ALA A 121 -8.76 -26.41 0.92
N MET A 122 -8.61 -27.46 0.09
CA MET A 122 -8.64 -28.87 0.54
C MET A 122 -7.50 -29.11 1.54
N VAL A 123 -6.29 -28.64 1.21
CA VAL A 123 -5.10 -28.78 2.09
C VAL A 123 -5.37 -28.04 3.40
N LEU A 124 -5.92 -26.82 3.34
CA LEU A 124 -6.27 -26.04 4.55
C LEU A 124 -7.31 -26.82 5.36
N THR A 125 -8.31 -27.45 4.71
CA THR A 125 -9.35 -28.28 5.37
C THR A 125 -8.65 -29.39 6.17
N LYS A 126 -7.68 -30.08 5.57
CA LYS A 126 -6.93 -31.18 6.24
C LYS A 126 -6.19 -30.64 7.47
N MET A 127 -5.49 -29.50 7.34
CA MET A 127 -4.74 -28.91 8.47
C MET A 127 -5.72 -28.52 9.57
N LYS A 128 -6.89 -27.98 9.20
CA LYS A 128 -8.00 -27.61 10.14
C LYS A 128 -8.49 -28.86 10.90
N GLU A 129 -8.80 -29.94 10.17
CA GLU A 129 -9.25 -31.22 10.77
C GLU A 129 -8.18 -31.71 11.76
N THR A 130 -6.90 -31.60 11.39
CA THR A 130 -5.73 -31.98 12.25
C THR A 130 -5.84 -31.23 13.58
N ALA A 131 -6.06 -29.91 13.54
CA ALA A 131 -6.20 -29.05 14.73
C ALA A 131 -7.44 -29.46 15.54
N GLU A 132 -8.56 -29.70 14.85
CA GLU A 132 -9.88 -30.00 15.49
C GLU A 132 -9.79 -31.30 16.28
N ALA A 133 -9.18 -32.35 15.71
CA ALA A 133 -8.97 -33.66 16.37
C ALA A 133 -8.19 -33.46 17.68
N TYR A 134 -7.11 -32.66 17.63
CA TYR A 134 -6.22 -32.34 18.77
C TYR A 134 -6.99 -31.49 19.80
N LEU A 135 -7.69 -30.46 19.35
CA LEU A 135 -8.42 -29.49 20.22
C LEU A 135 -9.71 -30.12 20.76
N GLY A 136 -10.29 -31.07 20.02
CA GLY A 136 -11.58 -31.71 20.35
C GLY A 136 -12.75 -30.76 20.17
N LYS A 137 -12.59 -29.71 19.35
CA LYS A 137 -13.70 -28.78 19.00
C LYS A 137 -13.43 -28.16 17.62
N LYS A 138 -14.43 -27.46 17.09
CA LYS A 138 -14.46 -26.83 15.74
C LYS A 138 -13.42 -25.69 15.70
N VAL A 139 -12.78 -25.51 14.54
CA VAL A 139 -11.84 -24.39 14.27
C VAL A 139 -12.40 -23.57 13.11
N THR A 140 -12.63 -22.27 13.32
CA THR A 140 -13.28 -21.34 12.36
C THR A 140 -12.30 -20.25 11.91
N HIS A 141 -11.28 -19.93 12.72
CA HIS A 141 -10.33 -18.80 12.49
C HIS A 141 -8.90 -19.31 12.39
N ALA A 142 -8.10 -18.75 11.49
CA ALA A 142 -6.68 -19.11 11.31
C ALA A 142 -5.84 -17.90 10.90
N VAL A 143 -4.56 -17.93 11.28
CA VAL A 143 -3.48 -17.15 10.63
C VAL A 143 -2.83 -18.09 9.61
N VAL A 144 -2.73 -17.67 8.35
CA VAL A 144 -2.12 -18.48 7.25
C VAL A 144 -0.89 -17.71 6.75
N THR A 145 0.22 -18.41 6.57
CA THR A 145 1.50 -17.79 6.14
C THR A 145 1.56 -17.79 4.61
N VAL A 146 2.29 -16.83 4.04
CA VAL A 146 2.59 -16.73 2.59
C VAL A 146 4.05 -16.33 2.44
N PRO A 147 4.71 -16.67 1.32
CA PRO A 147 6.03 -16.11 1.03
C PRO A 147 6.02 -14.57 1.13
N ALA A 148 7.08 -13.98 1.69
CA ALA A 148 7.30 -12.53 1.77
C ALA A 148 7.17 -11.93 0.36
N TYR A 149 7.71 -12.61 -0.66
CA TYR A 149 7.76 -12.09 -2.06
C TYR A 149 6.48 -12.44 -2.82
N PHE A 150 5.48 -13.06 -2.18
CA PHE A 150 4.14 -13.24 -2.81
C PHE A 150 3.64 -11.89 -3.30
N ASN A 151 3.11 -11.86 -4.52
CA ASN A 151 2.46 -10.66 -5.12
C ASN A 151 1.01 -10.59 -4.61
N ASP A 152 0.32 -9.51 -4.96
CA ASP A 152 -1.06 -9.20 -4.49
C ASP A 152 -1.99 -10.37 -4.82
N ALA A 153 -2.00 -10.82 -6.08
CA ALA A 153 -2.86 -11.92 -6.59
C ALA A 153 -2.60 -13.21 -5.80
N GLN A 154 -1.33 -13.52 -5.51
CA GLN A 154 -0.94 -14.77 -4.78
C GLN A 154 -1.45 -14.68 -3.34
N ARG A 155 -1.38 -13.49 -2.71
CA ARG A 155 -1.89 -13.25 -1.33
C ARG A 155 -3.42 -13.42 -1.28
N GLN A 156 -4.14 -12.77 -2.20
CA GLN A 156 -5.62 -12.82 -2.24
C GLN A 156 -6.06 -14.26 -2.53
N ALA A 157 -5.35 -14.96 -3.42
CA ALA A 157 -5.64 -16.38 -3.77
C ALA A 157 -5.53 -17.26 -2.51
N THR A 158 -4.58 -16.95 -1.61
CA THR A 158 -4.38 -17.70 -0.34
C THR A 158 -5.54 -17.40 0.61
N LYS A 159 -5.96 -16.14 0.72
CA LYS A 159 -7.15 -15.74 1.51
C LYS A 159 -8.39 -16.47 0.96
N ASP A 160 -8.54 -16.50 -0.37
CA ASP A 160 -9.69 -17.14 -1.06
C ASP A 160 -9.71 -18.64 -0.72
N ALA A 161 -8.54 -19.28 -0.74
CA ALA A 161 -8.38 -20.70 -0.33
C ALA A 161 -8.88 -20.88 1.11
N GLY A 162 -8.54 -19.95 2.00
CA GLY A 162 -9.03 -19.93 3.38
C GLY A 162 -10.56 -19.88 3.42
N THR A 163 -11.14 -18.91 2.71
CA THR A 163 -12.62 -18.71 2.62
C THR A 163 -13.27 -20.01 2.14
N ILE A 164 -12.73 -20.63 1.09
CA ILE A 164 -13.29 -21.86 0.46
C ILE A 164 -13.21 -23.04 1.45
N ALA A 165 -12.25 -23.03 2.38
CA ALA A 165 -12.09 -24.07 3.43
C ALA A 165 -12.95 -23.73 4.66
N GLY A 166 -13.79 -22.70 4.57
CA GLY A 166 -14.67 -22.26 5.67
C GLY A 166 -13.87 -21.75 6.86
N LEU A 167 -12.68 -21.19 6.61
CA LEU A 167 -11.85 -20.53 7.63
C LEU A 167 -11.97 -19.00 7.48
N ASN A 168 -12.12 -18.29 8.58
CA ASN A 168 -11.91 -16.83 8.66
C ASN A 168 -10.39 -16.60 8.81
N VAL A 169 -9.73 -16.17 7.73
CA VAL A 169 -8.28 -15.83 7.74
C VAL A 169 -8.11 -14.46 8.40
N MET A 170 -7.81 -14.44 9.69
CA MET A 170 -7.69 -13.21 10.52
C MET A 170 -6.49 -12.39 10.06
N ARG A 171 -5.44 -13.04 9.54
CA ARG A 171 -4.18 -12.37 9.13
C ARG A 171 -3.41 -13.31 8.19
N ILE A 172 -2.90 -12.76 7.09
CA ILE A 172 -1.81 -13.34 6.24
C ILE A 172 -0.49 -12.81 6.79
N ILE A 173 0.43 -13.70 7.16
N ILE A 173 0.42 -13.70 7.18
CA ILE A 173 1.76 -13.34 7.75
CA ILE A 173 1.76 -13.36 7.75
C ILE A 173 2.85 -13.86 6.80
C ILE A 173 2.84 -13.85 6.78
N ASN A 174 3.88 -13.05 6.55
CA ASN A 174 5.00 -13.44 5.65
C ASN A 174 5.82 -14.53 6.36
N GLU A 175 6.18 -15.60 5.62
CA GLU A 175 6.84 -16.81 6.18
C GLU A 175 8.11 -16.44 6.94
N PRO A 176 9.03 -15.60 6.39
CA PRO A 176 10.26 -15.25 7.10
C PRO A 176 9.97 -14.52 8.43
N THR A 177 8.93 -13.69 8.47
CA THR A 177 8.49 -12.95 9.67
C THR A 177 8.00 -13.96 10.72
N ALA A 178 7.22 -14.97 10.30
CA ALA A 178 6.74 -16.07 11.17
C ALA A 178 7.96 -16.78 11.77
N ALA A 179 8.92 -17.15 10.94
CA ALA A 179 10.17 -17.84 11.37
C ALA A 179 10.93 -16.95 12.35
N ALA A 180 10.99 -15.64 12.11
CA ALA A 180 11.65 -14.65 12.99
C ALA A 180 11.03 -14.69 14.38
N ILE A 181 9.70 -14.80 14.48
CA ILE A 181 8.97 -14.89 15.77
C ILE A 181 9.42 -16.17 16.50
N ALA A 182 9.49 -17.30 15.78
CA ALA A 182 9.91 -18.61 16.33
C ALA A 182 11.32 -18.48 16.90
N TYR A 183 12.21 -17.81 16.17
CA TYR A 183 13.60 -17.55 16.64
C TYR A 183 13.58 -16.61 17.86
N GLY A 184 12.86 -15.49 17.76
CA GLY A 184 13.02 -14.31 18.65
C GLY A 184 12.17 -14.34 19.91
N LEU A 185 11.11 -15.16 19.98
CA LEU A 185 10.08 -15.10 21.07
C LEU A 185 10.76 -15.23 22.44
N ASP A 186 11.66 -16.21 22.59
CA ASP A 186 12.32 -16.54 23.89
C ASP A 186 13.58 -15.67 24.10
N LYS A 187 13.90 -14.76 23.18
CA LYS A 187 15.11 -13.88 23.23
C LYS A 187 14.77 -12.56 23.92
N ARG A 188 15.35 -12.32 25.11
CA ARG A 188 15.28 -11.04 25.86
C ARG A 188 16.67 -10.39 25.85
N GLU A 189 17.30 -10.34 24.68
CA GLU A 189 18.73 -9.96 24.47
C GLU A 189 18.83 -8.56 23.85
N GLY A 190 17.70 -7.86 23.69
CA GLY A 190 17.65 -6.53 23.08
C GLY A 190 17.78 -6.60 21.57
N GLU A 191 18.20 -5.51 20.93
CA GLU A 191 18.17 -5.30 19.46
C GLU A 191 19.16 -6.25 18.77
N LYS A 192 18.68 -7.01 17.79
CA LYS A 192 19.52 -7.89 16.93
C LYS A 192 19.05 -7.74 15.49
N ASN A 193 19.99 -7.73 14.55
CA ASN A 193 19.69 -7.88 13.10
C ASN A 193 19.83 -9.36 12.77
N ILE A 194 18.76 -9.97 12.25
CA ILE A 194 18.78 -11.38 11.82
C ILE A 194 18.47 -11.43 10.32
N LEU A 195 19.16 -12.33 9.62
CA LEU A 195 18.98 -12.61 8.18
C LEU A 195 18.24 -13.95 8.10
N VAL A 196 16.94 -13.92 7.81
CA VAL A 196 16.12 -15.15 7.61
C VAL A 196 16.25 -15.57 6.15
N PHE A 197 16.80 -16.76 5.93
CA PHE A 197 17.04 -17.40 4.61
C PHE A 197 16.10 -18.60 4.53
N ASP A 198 15.00 -18.45 3.81
CA ASP A 198 13.88 -19.43 3.80
C ASP A 198 13.76 -20.01 2.39
N LEU A 199 14.43 -21.13 2.15
CA LEU A 199 14.36 -21.89 0.87
C LEU A 199 13.45 -23.09 1.12
N GLY A 200 12.23 -23.07 0.57
CA GLY A 200 11.18 -24.08 0.82
C GLY A 200 11.06 -25.04 -0.35
N GLY A 201 9.94 -25.78 -0.40
CA GLY A 201 9.62 -26.69 -1.51
C GLY A 201 9.41 -25.95 -2.82
N GLY A 202 9.01 -24.67 -2.77
CA GLY A 202 8.55 -23.92 -3.95
C GLY A 202 8.99 -22.47 -4.00
N ALA A 203 9.05 -21.77 -2.86
CA ALA A 203 9.36 -20.33 -2.81
C ALA A 203 10.61 -20.07 -1.97
N PHE A 204 11.38 -19.06 -2.39
CA PHE A 204 12.61 -18.60 -1.70
C PHE A 204 12.41 -17.15 -1.26
N ASP A 205 12.58 -16.90 0.04
CA ASP A 205 12.59 -15.54 0.65
C ASP A 205 13.93 -15.32 1.37
N VAL A 206 14.43 -14.09 1.31
CA VAL A 206 15.41 -13.51 2.26
C VAL A 206 14.77 -12.27 2.89
N SER A 207 14.69 -12.21 4.21
CA SER A 207 14.22 -11.04 4.96
C SER A 207 15.27 -10.67 6.02
N LEU A 208 15.63 -9.38 6.05
CA LEU A 208 16.49 -8.81 7.11
C LEU A 208 15.57 -8.13 8.12
N LEU A 209 15.57 -8.61 9.37
CA LEU A 209 14.72 -8.04 10.45
C LEU A 209 15.62 -7.46 11.53
N THR A 210 15.19 -6.37 12.16
CA THR A 210 15.67 -5.94 13.49
C THR A 210 14.63 -6.40 14.50
N ILE A 211 15.00 -7.35 15.37
CA ILE A 211 14.13 -7.89 16.45
C ILE A 211 14.58 -7.24 17.76
N ASP A 212 13.64 -6.96 18.65
CA ASP A 212 13.90 -6.12 19.85
C ASP A 212 12.76 -6.32 20.86
N ASN A 213 12.96 -7.24 21.80
CA ASN A 213 12.11 -7.55 22.97
C ASN A 213 10.61 -7.41 22.59
N GLY A 214 10.20 -8.09 21.52
CA GLY A 214 8.79 -8.25 21.12
C GLY A 214 8.47 -7.53 19.82
N VAL A 215 9.34 -6.63 19.36
CA VAL A 215 9.15 -5.87 18.09
C VAL A 215 9.89 -6.63 16.99
N PHE A 216 9.17 -6.99 15.92
CA PHE A 216 9.72 -7.70 14.74
C PHE A 216 9.59 -6.77 13.55
N GLU A 217 10.70 -6.12 13.22
CA GLU A 217 10.78 -5.03 12.22
C GLU A 217 11.46 -5.56 10.96
N VAL A 218 10.71 -5.73 9.86
CA VAL A 218 11.32 -6.12 8.57
C VAL A 218 11.96 -4.86 7.99
N VAL A 219 13.28 -4.88 7.80
CA VAL A 219 14.04 -3.74 7.22
C VAL A 219 14.00 -3.88 5.70
N ALA A 220 14.23 -5.09 5.18
CA ALA A 220 14.20 -5.35 3.72
C ALA A 220 13.87 -6.81 3.45
N THR A 221 13.23 -7.06 2.31
CA THR A 221 12.89 -8.43 1.84
C THR A 221 13.15 -8.50 0.34
N ASN A 222 13.47 -9.70 -0.14
CA ASN A 222 13.70 -9.98 -1.57
C ASN A 222 13.70 -11.48 -1.74
N GLY A 223 13.06 -11.98 -2.80
CA GLY A 223 12.94 -13.44 -3.00
C GLY A 223 12.58 -13.81 -4.41
N ASP A 224 12.16 -15.06 -4.57
CA ASP A 224 11.67 -15.65 -5.83
C ASP A 224 10.63 -16.68 -5.44
N THR A 225 9.36 -16.45 -5.80
CA THR A 225 8.21 -17.29 -5.39
C THR A 225 8.22 -18.60 -6.19
N HIS A 226 9.13 -18.77 -7.16
CA HIS A 226 9.24 -19.97 -8.04
C HIS A 226 10.70 -20.45 -8.09
N LEU A 227 11.25 -20.73 -6.90
CA LEU A 227 12.60 -21.28 -6.64
C LEU A 227 12.56 -22.06 -5.33
N GLY A 228 12.79 -23.37 -5.38
CA GLY A 228 12.77 -24.23 -4.18
C GLY A 228 13.02 -25.68 -4.52
N GLY A 229 12.75 -26.57 -3.57
CA GLY A 229 12.94 -28.04 -3.67
C GLY A 229 12.41 -28.61 -4.97
N GLU A 230 11.21 -28.19 -5.39
CA GLU A 230 10.53 -28.66 -6.63
C GLU A 230 11.48 -28.51 -7.83
N ASP A 231 12.17 -27.37 -7.94
CA ASP A 231 13.07 -27.04 -9.08
C ASP A 231 14.28 -27.97 -9.04
N PHE A 232 14.80 -28.28 -7.85
CA PHE A 232 15.98 -29.16 -7.65
C PHE A 232 15.60 -30.59 -8.08
N ASP A 233 14.40 -31.03 -7.73
CA ASP A 233 13.83 -32.35 -8.13
C ASP A 233 13.67 -32.40 -9.65
N GLN A 234 13.12 -31.34 -10.25
CA GLN A 234 12.89 -31.24 -11.71
C GLN A 234 14.23 -31.36 -12.46
N ARG A 235 15.30 -30.74 -11.95
CA ARG A 235 16.64 -30.73 -12.61
C ARG A 235 17.17 -32.17 -12.65
N VAL A 236 17.01 -32.91 -11.55
CA VAL A 236 17.50 -34.31 -11.39
C VAL A 236 16.63 -35.23 -12.25
N MET A 237 15.31 -35.06 -12.20
CA MET A 237 14.35 -35.88 -13.00
C MET A 237 14.71 -35.75 -14.48
N GLU A 238 14.92 -34.51 -14.96
CA GLU A 238 15.24 -34.22 -16.37
C GLU A 238 16.57 -34.88 -16.75
N HIS A 239 17.57 -34.82 -15.88
CA HIS A 239 18.88 -35.48 -16.05
C HIS A 239 18.68 -36.97 -16.34
N PHE A 240 17.82 -37.66 -15.59
CA PHE A 240 17.65 -39.13 -15.66
C PHE A 240 16.72 -39.49 -16.82
N ILE A 241 15.74 -38.65 -17.16
CA ILE A 241 14.87 -38.85 -18.37
C ILE A 241 15.76 -38.84 -19.62
N LYS A 242 16.69 -37.88 -19.72
CA LYS A 242 17.65 -37.75 -20.86
C LYS A 242 18.62 -38.94 -20.85
N LEU A 243 19.12 -39.32 -19.67
CA LEU A 243 20.06 -40.46 -19.49
C LEU A 243 19.37 -41.74 -19.96
N TYR A 244 18.08 -41.91 -19.68
CA TYR A 244 17.28 -43.11 -20.04
C TYR A 244 17.04 -43.12 -21.55
N LYS A 245 16.71 -41.96 -22.13
CA LYS A 245 16.62 -41.71 -23.59
C LYS A 245 17.95 -42.12 -24.24
N LYS A 246 19.07 -41.70 -23.64
CA LYS A 246 20.46 -41.95 -24.12
C LYS A 246 20.73 -43.46 -24.16
N LYS A 247 20.26 -44.20 -23.16
CA LYS A 247 20.66 -45.61 -22.90
C LYS A 247 19.70 -46.60 -23.59
N THR A 248 18.41 -46.28 -23.67
CA THR A 248 17.35 -47.19 -24.19
C THR A 248 16.75 -46.66 -25.49
N GLY A 249 16.76 -45.35 -25.72
CA GLY A 249 16.11 -44.71 -26.88
C GLY A 249 14.64 -44.45 -26.61
N LYS A 250 14.16 -44.73 -25.39
CA LYS A 250 12.74 -44.60 -24.98
C LYS A 250 12.50 -43.26 -24.28
N ASP A 251 11.35 -42.64 -24.53
CA ASP A 251 10.93 -41.33 -23.96
C ASP A 251 10.02 -41.58 -22.77
N VAL A 252 10.44 -41.18 -21.56
CA VAL A 252 9.77 -41.50 -20.26
C VAL A 252 8.47 -40.69 -20.12
N ARG A 253 8.37 -39.52 -20.78
CA ARG A 253 7.22 -38.59 -20.70
C ARG A 253 5.93 -39.25 -21.26
N LYS A 254 6.06 -40.33 -22.02
CA LYS A 254 4.90 -41.11 -22.56
C LYS A 254 4.17 -41.85 -21.44
N ASP A 255 4.74 -41.88 -20.22
CA ASP A 255 4.16 -42.58 -19.04
C ASP A 255 4.27 -41.66 -17.82
N ASN A 256 3.13 -41.21 -17.29
CA ASN A 256 3.05 -40.37 -16.06
C ASN A 256 3.47 -41.18 -14.85
N ARG A 257 3.19 -42.50 -14.84
CA ARG A 257 3.61 -43.43 -13.76
C ARG A 257 5.14 -43.44 -13.66
N ALA A 258 5.83 -43.52 -14.80
CA ALA A 258 7.30 -43.53 -14.92
C ALA A 258 7.88 -42.22 -14.39
N VAL A 259 7.35 -41.09 -14.86
CA VAL A 259 7.82 -39.72 -14.51
C VAL A 259 7.69 -39.54 -12.98
N GLN A 260 6.53 -39.87 -12.41
CA GLN A 260 6.22 -39.64 -10.98
C GLN A 260 6.91 -40.69 -10.10
N LYS A 261 7.18 -41.88 -10.64
CA LYS A 261 8.02 -42.91 -9.96
C LYS A 261 9.42 -42.32 -9.79
N LEU A 262 9.97 -41.72 -10.85
CA LEU A 262 11.29 -41.04 -10.82
C LEU A 262 11.27 -39.91 -9.78
N ARG A 263 10.23 -39.07 -9.79
CA ARG A 263 10.06 -37.95 -8.82
C ARG A 263 10.19 -38.49 -7.39
N ARG A 264 9.43 -39.55 -7.06
CA ARG A 264 9.40 -40.16 -5.70
C ARG A 264 10.83 -40.56 -5.28
N GLU A 265 11.56 -41.23 -6.17
CA GLU A 265 12.94 -41.74 -5.88
C GLU A 265 13.92 -40.58 -5.85
N VAL A 266 13.75 -39.59 -6.73
CA VAL A 266 14.57 -38.34 -6.77
C VAL A 266 14.45 -37.63 -5.42
N GLU A 267 13.24 -37.52 -4.87
CA GLU A 267 12.97 -36.92 -3.52
C GLU A 267 13.82 -37.64 -2.47
N LYS A 268 13.70 -38.97 -2.39
CA LYS A 268 14.40 -39.82 -1.40
C LYS A 268 15.92 -39.63 -1.54
N ALA A 269 16.42 -39.62 -2.79
CA ALA A 269 17.85 -39.46 -3.13
C ALA A 269 18.35 -38.08 -2.68
N LYS A 270 17.56 -37.02 -2.94
CA LYS A 270 17.91 -35.64 -2.55
C LYS A 270 18.10 -35.58 -1.04
N ARG A 271 17.17 -36.14 -0.25
CA ARG A 271 17.27 -36.13 1.24
C ARG A 271 18.51 -36.92 1.67
N ALA A 272 18.75 -38.09 1.06
CA ALA A 272 19.92 -38.96 1.36
C ALA A 272 21.23 -38.18 1.14
N LEU A 273 21.30 -37.37 0.07
CA LEU A 273 22.53 -36.63 -0.35
C LEU A 273 22.80 -35.44 0.57
N SER A 274 21.95 -35.16 1.56
CA SER A 274 22.20 -34.11 2.57
C SER A 274 23.06 -34.67 3.72
N SER A 275 23.22 -35.99 3.81
CA SER A 275 24.10 -36.66 4.81
C SER A 275 25.06 -37.66 4.15
N GLN A 276 24.74 -38.13 2.94
CA GLN A 276 25.59 -39.10 2.17
C GLN A 276 26.14 -38.42 0.92
N HIS A 277 27.18 -39.00 0.30
CA HIS A 277 27.89 -38.44 -0.87
C HIS A 277 27.41 -39.10 -2.17
N GLN A 278 26.60 -40.16 -2.08
CA GLN A 278 25.92 -40.73 -3.27
C GLN A 278 24.61 -41.41 -2.83
N ALA A 279 23.73 -41.65 -3.79
CA ALA A 279 22.42 -42.30 -3.60
C ALA A 279 22.09 -43.12 -4.85
N ARG A 280 21.55 -44.32 -4.66
CA ARG A 280 21.14 -45.24 -5.76
C ARG A 280 19.65 -44.94 -6.04
N ILE A 281 19.33 -44.69 -7.32
CA ILE A 281 17.93 -44.52 -7.81
C ILE A 281 17.49 -45.87 -8.39
N GLU A 282 16.59 -46.56 -7.69
N GLU A 282 16.59 -46.57 -7.69
CA GLU A 282 16.07 -47.91 -8.07
CA GLU A 282 16.07 -47.91 -8.07
C GLU A 282 14.56 -47.84 -8.29
C GLU A 282 14.56 -47.84 -8.28
N ILE A 283 14.10 -48.14 -9.50
CA ILE A 283 12.64 -48.21 -9.85
C ILE A 283 12.37 -49.56 -10.51
N GLU A 284 11.48 -50.36 -9.91
CA GLU A 284 10.97 -51.61 -10.49
C GLU A 284 9.84 -51.27 -11.48
N SER A 285 9.86 -51.88 -12.68
CA SER A 285 8.85 -51.66 -13.75
C SER A 285 8.70 -50.14 -13.98
N PHE A 286 9.82 -49.49 -14.27
CA PHE A 286 9.92 -48.02 -14.48
C PHE A 286 9.12 -47.64 -15.74
N PHE A 287 9.43 -48.31 -16.87
CA PHE A 287 8.84 -48.02 -18.21
C PHE A 287 8.78 -49.31 -19.03
N GLU A 288 7.59 -49.64 -19.55
CA GLU A 288 7.32 -50.83 -20.39
C GLU A 288 7.88 -52.09 -19.70
N GLY A 289 7.71 -52.19 -18.38
CA GLY A 289 8.07 -53.37 -17.57
C GLY A 289 9.58 -53.56 -17.44
N GLU A 290 10.37 -52.53 -17.74
CA GLU A 290 11.86 -52.55 -17.63
C GLU A 290 12.27 -51.78 -16.38
N ASP A 291 13.27 -52.29 -15.65
CA ASP A 291 13.76 -51.70 -14.37
C ASP A 291 14.71 -50.55 -14.66
N PHE A 292 14.79 -49.60 -13.72
CA PHE A 292 15.70 -48.43 -13.72
C PHE A 292 16.65 -48.56 -12.53
N SER A 293 17.96 -48.48 -12.79
CA SER A 293 19.03 -48.48 -11.77
C SER A 293 20.14 -47.51 -12.19
N GLU A 294 20.31 -46.42 -11.43
CA GLU A 294 21.37 -45.40 -11.64
C GLU A 294 21.86 -44.93 -10.27
N THR A 295 23.02 -44.29 -10.24
CA THR A 295 23.59 -43.65 -9.03
C THR A 295 23.56 -42.13 -9.24
N LEU A 296 23.13 -41.38 -8.22
CA LEU A 296 23.28 -39.91 -8.17
C LEU A 296 24.30 -39.54 -7.08
N THR A 297 25.46 -39.02 -7.50
CA THR A 297 26.49 -38.49 -6.57
C THR A 297 26.05 -37.10 -6.09
N ARG A 298 26.54 -36.70 -4.92
CA ARG A 298 26.33 -35.31 -4.40
C ARG A 298 26.93 -34.32 -5.40
N ALA A 299 28.11 -34.61 -5.95
CA ALA A 299 28.80 -33.76 -6.96
C ALA A 299 27.87 -33.52 -8.14
N LYS A 300 27.23 -34.57 -8.67
CA LYS A 300 26.33 -34.48 -9.85
C LYS A 300 25.09 -33.67 -9.47
N PHE A 301 24.48 -33.98 -8.33
CA PHE A 301 23.31 -33.26 -7.77
C PHE A 301 23.60 -31.75 -7.72
N GLU A 302 24.79 -31.40 -7.21
CA GLU A 302 25.26 -30.00 -7.08
C GLU A 302 25.44 -29.39 -8.47
N GLU A 303 26.09 -30.12 -9.39
CA GLU A 303 26.36 -29.63 -10.77
C GLU A 303 25.03 -29.31 -11.47
N LEU A 304 24.04 -30.21 -11.36
CA LEU A 304 22.72 -30.08 -12.04
C LEU A 304 21.96 -28.86 -11.53
N ASN A 305 22.28 -28.38 -10.32
CA ASN A 305 21.51 -27.32 -9.60
C ASN A 305 22.36 -26.10 -9.27
N MET A 306 23.62 -26.04 -9.74
CA MET A 306 24.63 -25.06 -9.24
C MET A 306 24.15 -23.62 -9.52
N ASP A 307 23.66 -23.34 -10.74
CA ASP A 307 23.12 -21.99 -11.10
C ASP A 307 22.00 -21.62 -10.13
N LEU A 308 21.08 -22.55 -9.82
CA LEU A 308 19.93 -22.28 -8.92
C LEU A 308 20.44 -22.02 -7.49
N PHE A 309 21.37 -22.83 -7.00
CA PHE A 309 21.98 -22.69 -5.63
C PHE A 309 22.68 -21.33 -5.49
N ARG A 310 23.50 -20.97 -6.48
N ARG A 310 23.50 -20.96 -6.48
CA ARG A 310 24.27 -19.68 -6.51
CA ARG A 310 24.26 -19.67 -6.51
C ARG A 310 23.29 -18.50 -6.55
C ARG A 310 23.29 -18.49 -6.55
N SER A 311 22.15 -18.66 -7.24
CA SER A 311 21.12 -17.59 -7.41
C SER A 311 20.52 -17.19 -6.06
N THR A 312 20.56 -18.07 -5.05
CA THR A 312 20.01 -17.79 -3.70
C THR A 312 20.81 -16.68 -3.01
N MET A 313 22.04 -16.39 -3.46
CA MET A 313 22.90 -15.34 -2.86
C MET A 313 22.47 -13.94 -3.30
N LYS A 314 21.82 -13.80 -4.46
CA LYS A 314 21.44 -12.47 -5.03
C LYS A 314 20.49 -11.73 -4.09
N PRO A 315 19.38 -12.34 -3.62
CA PRO A 315 18.52 -11.66 -2.64
C PRO A 315 19.21 -11.32 -1.30
N VAL A 316 20.22 -12.09 -0.89
CA VAL A 316 21.00 -11.80 0.35
C VAL A 316 21.75 -10.47 0.15
N GLN A 317 22.46 -10.32 -0.96
N GLN A 317 22.48 -10.35 -0.96
CA GLN A 317 23.17 -9.07 -1.34
CA GLN A 317 23.16 -9.11 -1.43
C GLN A 317 22.14 -7.94 -1.49
C GLN A 317 22.13 -7.97 -1.47
N LYS A 318 20.95 -8.23 -2.03
CA LYS A 318 19.90 -7.23 -2.29
C LYS A 318 19.38 -6.63 -0.98
N VAL A 319 19.05 -7.46 0.02
CA VAL A 319 18.52 -6.95 1.31
C VAL A 319 19.61 -6.15 2.04
N LEU A 320 20.87 -6.56 1.91
CA LEU A 320 22.01 -5.82 2.54
C LEU A 320 22.14 -4.43 1.90
N GLU A 321 22.08 -4.36 0.57
CA GLU A 321 22.14 -3.09 -0.20
C GLU A 321 20.93 -2.21 0.14
N ASP A 322 19.73 -2.80 0.15
CA ASP A 322 18.46 -2.06 0.41
C ASP A 322 18.47 -1.50 1.84
N SER A 323 19.00 -2.26 2.80
N SER A 323 19.00 -2.26 2.79
CA SER A 323 19.09 -1.88 4.24
CA SER A 323 19.11 -1.90 4.24
C SER A 323 20.29 -0.95 4.48
C SER A 323 20.30 -0.99 4.50
N ASP A 324 21.21 -0.85 3.52
CA ASP A 324 22.50 -0.13 3.67
C ASP A 324 23.23 -0.67 4.92
N LEU A 325 23.22 -2.00 5.12
CA LEU A 325 23.92 -2.69 6.23
C LEU A 325 25.09 -3.48 5.68
N LYS A 326 26.12 -3.69 6.50
CA LYS A 326 27.30 -4.53 6.18
C LYS A 326 26.98 -5.97 6.58
N LYS A 327 27.67 -6.94 6.00
CA LYS A 327 27.59 -8.37 6.39
C LYS A 327 27.79 -8.50 7.90
N SER A 328 28.77 -7.77 8.46
CA SER A 328 29.18 -7.81 9.90
C SER A 328 28.02 -7.32 10.80
N ASP A 329 27.07 -6.55 10.26
CA ASP A 329 25.91 -6.02 11.04
C ASP A 329 24.87 -7.13 11.28
N ILE A 330 24.99 -8.27 10.60
CA ILE A 330 24.07 -9.43 10.81
C ILE A 330 24.53 -10.20 12.05
N ASP A 331 23.69 -10.27 13.09
CA ASP A 331 23.99 -10.92 14.38
C ASP A 331 23.73 -12.43 14.27
N GLU A 332 22.69 -12.83 13.54
CA GLU A 332 22.33 -14.27 13.34
C GLU A 332 21.78 -14.48 11.94
N ILE A 333 22.18 -15.59 11.33
CA ILE A 333 21.62 -16.13 10.07
C ILE A 333 20.65 -17.25 10.49
N VAL A 334 19.38 -17.13 10.11
CA VAL A 334 18.33 -18.12 10.47
C VAL A 334 17.90 -18.85 9.21
N LEU A 335 18.27 -20.13 9.09
CA LEU A 335 17.94 -21.00 7.93
C LEU A 335 16.57 -21.63 8.19
N VAL A 336 15.66 -21.51 7.22
CA VAL A 336 14.30 -22.10 7.26
C VAL A 336 14.09 -22.90 5.98
N GLY A 337 13.41 -24.05 6.10
CA GLY A 337 13.04 -24.91 4.95
C GLY A 337 13.94 -26.13 4.86
N GLY A 338 13.33 -27.27 4.50
CA GLY A 338 14.04 -28.54 4.27
C GLY A 338 15.25 -28.36 3.37
N SER A 339 15.15 -27.49 2.36
CA SER A 339 16.21 -27.25 1.34
C SER A 339 17.48 -26.69 1.98
N THR A 340 17.39 -26.05 3.15
CA THR A 340 18.56 -25.46 3.87
C THR A 340 19.40 -26.56 4.52
N ARG A 341 18.96 -27.82 4.48
CA ARG A 341 19.77 -29.00 4.89
C ARG A 341 20.77 -29.36 3.79
N ILE A 342 20.56 -28.89 2.56
CA ILE A 342 21.49 -29.17 1.42
C ILE A 342 22.85 -28.58 1.77
N PRO A 343 23.90 -29.41 1.95
CA PRO A 343 25.22 -28.93 2.35
C PRO A 343 25.75 -27.74 1.52
N LYS A 344 25.55 -27.78 0.19
CA LYS A 344 26.04 -26.71 -0.73
C LYS A 344 25.35 -25.39 -0.39
N ILE A 345 24.07 -25.40 0.01
CA ILE A 345 23.31 -24.18 0.40
C ILE A 345 23.94 -23.59 1.68
N GLN A 346 24.15 -24.43 2.69
CA GLN A 346 24.80 -24.04 3.96
C GLN A 346 26.20 -23.47 3.67
N GLN A 347 26.95 -24.13 2.78
CA GLN A 347 28.32 -23.70 2.40
C GLN A 347 28.28 -22.31 1.78
N LEU A 348 27.39 -22.09 0.81
CA LEU A 348 27.28 -20.79 0.08
C LEU A 348 26.92 -19.66 1.05
N VAL A 349 26.00 -19.92 2.00
CA VAL A 349 25.53 -18.91 2.99
C VAL A 349 26.70 -18.57 3.93
N LYS A 350 27.34 -19.60 4.49
CA LYS A 350 28.47 -19.48 5.44
C LYS A 350 29.61 -18.69 4.76
N GLU A 351 29.96 -19.06 3.52
CA GLU A 351 31.06 -18.41 2.75
C GLU A 351 30.69 -16.95 2.46
N PHE A 352 29.43 -16.67 2.09
CA PHE A 352 28.96 -15.29 1.84
C PHE A 352 29.20 -14.43 3.10
N PHE A 353 28.98 -14.99 4.28
CA PHE A 353 29.11 -14.30 5.59
C PHE A 353 30.47 -14.62 6.23
N ASN A 354 31.49 -14.89 5.40
CA ASN A 354 32.93 -14.94 5.77
C ASN A 354 33.12 -15.85 6.98
N GLY A 355 32.48 -17.04 6.98
CA GLY A 355 32.71 -18.12 7.94
C GLY A 355 31.66 -18.20 9.03
N LYS A 356 30.74 -17.24 9.11
CA LYS A 356 29.78 -17.14 10.24
C LYS A 356 28.84 -18.35 10.20
N GLU A 357 28.73 -19.06 11.33
CA GLU A 357 27.82 -20.24 11.48
C GLU A 357 26.39 -19.73 11.61
N PRO A 358 25.41 -20.36 10.93
CA PRO A 358 24.00 -20.04 11.16
C PRO A 358 23.58 -20.52 12.56
N SER A 359 22.53 -19.91 13.13
CA SER A 359 22.01 -20.26 14.48
C SER A 359 21.31 -21.62 14.42
N ARG A 360 21.15 -22.27 15.58
CA ARG A 360 20.52 -23.61 15.72
C ARG A 360 19.37 -23.53 16.72
N GLY A 361 18.73 -22.36 16.84
CA GLY A 361 17.61 -22.14 17.78
C GLY A 361 16.30 -22.71 17.27
N ILE A 362 16.17 -22.95 15.96
CA ILE A 362 14.86 -23.22 15.29
C ILE A 362 14.85 -24.61 14.65
N ASN A 363 13.65 -25.21 14.56
CA ASN A 363 13.34 -26.35 13.66
C ASN A 363 13.02 -25.77 12.28
N PRO A 364 13.80 -26.09 11.22
CA PRO A 364 13.61 -25.47 9.92
C PRO A 364 12.29 -25.87 9.23
N ASP A 365 11.64 -26.95 9.69
CA ASP A 365 10.38 -27.48 9.10
C ASP A 365 9.15 -26.90 9.82
N GLU A 366 9.29 -26.53 11.10
CA GLU A 366 8.15 -26.17 11.98
C GLU A 366 8.17 -24.66 12.34
N ALA A 367 9.25 -23.93 12.04
CA ALA A 367 9.46 -22.54 12.53
C ALA A 367 8.34 -21.62 12.03
N VAL A 368 7.93 -21.77 10.76
CA VAL A 368 6.92 -20.90 10.10
C VAL A 368 5.54 -21.11 10.76
N ALA A 369 5.13 -22.36 10.99
CA ALA A 369 3.86 -22.70 11.67
C ALA A 369 3.91 -22.20 13.12
N TYR A 370 5.07 -22.34 13.78
CA TYR A 370 5.32 -21.85 15.16
C TYR A 370 4.94 -20.35 15.23
N GLY A 371 5.48 -19.57 14.30
CA GLY A 371 5.28 -18.10 14.23
C GLY A 371 3.82 -17.76 13.95
N ALA A 372 3.21 -18.44 12.98
CA ALA A 372 1.78 -18.30 12.62
C ALA A 372 0.93 -18.50 13.89
N ALA A 373 1.24 -19.54 14.66
CA ALA A 373 0.50 -19.95 15.88
C ALA A 373 0.62 -18.85 16.94
N VAL A 374 1.82 -18.26 17.08
CA VAL A 374 2.05 -17.16 18.07
C VAL A 374 1.19 -15.96 17.68
N GLN A 375 1.23 -15.54 16.42
CA GLN A 375 0.44 -14.37 15.93
C GLN A 375 -1.06 -14.70 16.04
N ALA A 376 -1.47 -15.93 15.75
CA ALA A 376 -2.85 -16.43 15.93
C ALA A 376 -3.25 -16.26 17.40
N GLY A 377 -2.35 -16.61 18.32
CA GLY A 377 -2.53 -16.41 19.78
C GLY A 377 -2.77 -14.95 20.11
N VAL A 378 -2.00 -14.03 19.52
CA VAL A 378 -2.11 -12.56 19.77
C VAL A 378 -3.50 -12.08 19.32
N LEU A 379 -3.90 -12.39 18.09
CA LEU A 379 -5.18 -11.93 17.48
C LEU A 379 -6.38 -12.58 18.18
N SER A 380 -6.18 -13.75 18.79
CA SER A 380 -7.19 -14.47 19.63
C SER A 380 -7.56 -13.59 20.83
N GLY A 381 -6.59 -12.82 21.35
CA GLY A 381 -6.78 -11.76 22.36
C GLY A 381 -6.95 -12.30 23.78
N ASP A 382 -6.87 -13.62 23.98
CA ASP A 382 -7.25 -14.28 25.26
C ASP A 382 -6.17 -15.27 25.70
N GLN A 383 -4.92 -15.09 25.27
CA GLN A 383 -3.85 -16.13 25.37
C GLN A 383 -2.65 -15.66 26.21
N ASP A 384 -2.74 -14.52 26.90
CA ASP A 384 -1.65 -13.98 27.74
C ASP A 384 -0.37 -13.85 26.91
N THR A 385 -0.50 -13.39 25.66
CA THR A 385 0.65 -13.03 24.78
C THR A 385 1.19 -11.67 25.25
N GLY A 386 2.48 -11.44 25.07
CA GLY A 386 3.14 -10.16 25.39
C GLY A 386 2.80 -9.10 24.35
N ASP A 387 3.44 -7.92 24.44
CA ASP A 387 3.30 -6.80 23.49
C ASP A 387 4.10 -7.15 22.22
N LEU A 388 3.69 -8.20 21.53
CA LEU A 388 4.23 -8.65 20.21
C LEU A 388 3.77 -7.64 19.14
N VAL A 389 4.70 -7.08 18.36
CA VAL A 389 4.39 -6.09 17.29
C VAL A 389 5.19 -6.47 16.04
N LEU A 390 4.49 -6.75 14.93
CA LEU A 390 5.09 -6.98 13.60
C LEU A 390 5.02 -5.66 12.82
N LEU A 391 6.16 -5.19 12.31
CA LEU A 391 6.24 -4.05 11.36
C LEU A 391 6.78 -4.61 10.05
N ASP A 392 5.88 -5.12 9.22
CA ASP A 392 6.25 -5.80 7.96
C ASP A 392 6.15 -4.80 6.81
N VAL A 393 6.59 -5.21 5.63
CA VAL A 393 6.73 -4.35 4.42
C VAL A 393 6.07 -5.04 3.22
N CYS A 394 5.80 -4.28 2.17
CA CYS A 394 5.42 -4.78 0.84
C CYS A 394 6.71 -5.15 0.10
N PRO A 395 6.72 -6.28 -0.63
CA PRO A 395 7.94 -6.76 -1.29
C PRO A 395 8.23 -6.09 -2.64
N LEU A 396 7.20 -5.50 -3.26
CA LEU A 396 7.24 -5.04 -4.66
C LEU A 396 6.83 -3.57 -4.72
N THR A 397 7.49 -2.78 -5.56
CA THR A 397 7.06 -1.39 -5.89
C THR A 397 5.71 -1.47 -6.60
N LEU A 398 4.71 -0.73 -6.10
CA LEU A 398 3.37 -0.61 -6.74
C LEU A 398 3.33 0.68 -7.54
N GLY A 399 2.86 0.61 -8.79
CA GLY A 399 2.70 1.77 -9.66
C GLY A 399 1.42 1.69 -10.47
N ILE A 400 1.11 2.78 -11.16
CA ILE A 400 0.01 2.88 -12.16
C ILE A 400 0.64 3.18 -13.52
N GLU A 401 0.14 2.54 -14.56
CA GLU A 401 0.55 2.82 -15.95
C GLU A 401 -0.01 4.19 -16.34
N THR A 402 0.86 5.11 -16.76
CA THR A 402 0.48 6.43 -17.32
C THR A 402 0.92 6.47 -18.79
N VAL A 403 0.42 7.47 -19.53
CA VAL A 403 0.61 7.65 -21.00
C VAL A 403 2.05 7.28 -21.38
N GLY A 404 2.21 6.48 -22.44
CA GLY A 404 3.52 6.07 -22.98
C GLY A 404 4.01 4.76 -22.37
N GLY A 405 3.12 4.06 -21.66
CA GLY A 405 3.43 2.78 -20.98
C GLY A 405 4.37 2.98 -19.80
N VAL A 406 4.28 4.13 -19.13
CA VAL A 406 5.22 4.56 -18.05
C VAL A 406 4.77 3.97 -16.72
N MET A 407 5.71 3.37 -15.98
CA MET A 407 5.51 2.94 -14.57
C MET A 407 5.60 4.18 -13.70
N THR A 408 4.46 4.75 -13.29
CA THR A 408 4.41 5.85 -12.30
C THR A 408 4.30 5.22 -10.91
N LYS A 409 5.41 5.20 -10.16
CA LYS A 409 5.54 4.50 -8.86
C LYS A 409 4.77 5.29 -7.79
N LEU A 410 3.96 4.61 -6.98
CA LEU A 410 3.23 5.21 -5.85
C LEU A 410 3.82 4.72 -4.52
N ILE A 411 4.08 3.42 -4.39
CA ILE A 411 4.54 2.79 -3.12
C ILE A 411 5.80 1.98 -3.41
N PRO A 412 6.99 2.45 -2.98
CA PRO A 412 8.22 1.68 -3.17
C PRO A 412 8.21 0.33 -2.43
N ARG A 413 8.95 -0.64 -2.97
N ARG A 413 8.93 -0.65 -2.97
CA ARG A 413 9.28 -1.92 -2.29
CA ARG A 413 9.20 -1.93 -2.26
C ARG A 413 9.83 -1.59 -0.89
C ARG A 413 9.84 -1.61 -0.91
N ASN A 414 9.57 -2.46 0.10
CA ASN A 414 10.09 -2.32 1.49
C ASN A 414 9.42 -1.16 2.23
N THR A 415 8.29 -0.66 1.73
CA THR A 415 7.47 0.32 2.50
C THR A 415 6.72 -0.45 3.58
N VAL A 416 6.74 0.06 4.82
N VAL A 416 6.73 0.07 4.82
CA VAL A 416 6.03 -0.54 5.98
CA VAL A 416 6.03 -0.57 5.98
C VAL A 416 4.53 -0.50 5.72
C VAL A 416 4.53 -0.50 5.74
N VAL A 417 3.83 -1.58 6.07
CA VAL A 417 2.36 -1.74 5.87
C VAL A 417 1.72 -1.87 7.24
N PRO A 418 0.44 -1.43 7.42
CA PRO A 418 -0.35 -0.85 6.34
C PRO A 418 0.17 0.53 5.92
N THR A 419 -0.13 0.93 4.68
CA THR A 419 0.30 2.24 4.12
C THR A 419 -0.77 2.75 3.15
N LYS A 420 -0.69 4.04 2.84
CA LYS A 420 -1.63 4.76 1.95
C LYS A 420 -0.81 5.73 1.10
N LYS A 421 -1.06 5.77 -0.20
CA LYS A 421 -0.45 6.77 -1.12
C LYS A 421 -1.52 7.24 -2.10
N SER A 422 -1.59 8.56 -2.29
CA SER A 422 -2.52 9.25 -3.21
C SER A 422 -1.70 10.04 -4.24
N GLN A 423 -2.16 10.06 -5.49
CA GLN A 423 -1.62 10.96 -6.53
C GLN A 423 -2.76 11.39 -7.45
N ILE A 424 -2.73 12.66 -7.87
CA ILE A 424 -3.74 13.25 -8.78
C ILE A 424 -3.29 12.98 -10.22
N PHE A 425 -4.20 12.45 -11.03
CA PHE A 425 -4.01 12.20 -12.47
C PHE A 425 -5.10 12.94 -13.25
N SER A 426 -4.97 12.98 -14.57
CA SER A 426 -5.97 13.58 -15.47
C SER A 426 -6.16 12.71 -16.70
N THR A 427 -7.00 13.19 -17.63
CA THR A 427 -7.43 12.49 -18.86
C THR A 427 -6.40 12.74 -19.97
N ALA A 428 -6.36 11.85 -20.96
CA ALA A 428 -5.45 11.92 -22.13
C ALA A 428 -6.18 12.53 -23.34
N SER A 429 -7.52 12.52 -23.35
CA SER A 429 -8.36 13.05 -24.45
C SER A 429 -9.56 13.82 -23.90
N ASP A 430 -10.13 14.70 -24.74
CA ASP A 430 -11.32 15.53 -24.43
C ASP A 430 -12.50 14.60 -24.07
N ASN A 431 -13.20 14.93 -22.98
CA ASN A 431 -14.48 14.29 -22.55
C ASN A 431 -14.27 12.82 -22.17
N GLN A 432 -13.03 12.40 -21.93
CA GLN A 432 -12.71 11.02 -21.50
C GLN A 432 -13.52 10.72 -20.24
N PRO A 433 -14.42 9.71 -20.26
CA PRO A 433 -15.29 9.43 -19.12
C PRO A 433 -14.78 8.36 -18.14
N THR A 434 -13.64 7.75 -18.46
CA THR A 434 -13.11 6.53 -17.79
C THR A 434 -11.59 6.64 -17.63
N PHE A 435 -11.08 6.11 -16.51
CA PHE A 435 -9.67 5.66 -16.35
C PHE A 435 -9.67 4.13 -16.40
N THR A 436 -8.85 3.56 -17.29
CA THR A 436 -8.40 2.14 -17.22
C THR A 436 -7.14 2.14 -16.35
N ILE A 437 -7.34 1.96 -15.05
CA ILE A 437 -6.24 1.96 -14.02
C ILE A 437 -5.55 0.60 -14.06
N LYS A 438 -4.38 0.55 -14.70
CA LYS A 438 -3.52 -0.67 -14.76
C LYS A 438 -2.46 -0.54 -13.66
N VAL A 439 -2.60 -1.35 -12.60
CA VAL A 439 -1.66 -1.38 -11.45
C VAL A 439 -0.59 -2.45 -11.73
N TYR A 440 0.67 -2.08 -11.58
CA TYR A 440 1.85 -2.96 -11.84
C TYR A 440 2.66 -3.14 -10.56
N GLU A 441 3.23 -4.34 -10.40
CA GLU A 441 4.24 -4.69 -9.36
C GLU A 441 5.59 -4.84 -10.07
N GLY A 442 6.62 -4.15 -9.59
CA GLY A 442 8.00 -4.28 -10.09
C GLY A 442 8.78 -2.98 -10.04
N GLU A 443 10.07 -3.05 -10.34
CA GLU A 443 11.06 -1.97 -10.10
C GLU A 443 11.46 -1.31 -11.42
N ARG A 444 10.94 -1.77 -12.56
CA ARG A 444 11.38 -1.30 -13.91
C ARG A 444 10.63 -0.01 -14.26
N PRO A 445 11.24 0.89 -15.05
CA PRO A 445 10.61 2.18 -15.36
C PRO A 445 9.45 2.08 -16.36
N LEU A 446 9.36 0.99 -17.14
CA LEU A 446 8.27 0.77 -18.12
C LEU A 446 7.43 -0.44 -17.68
N THR A 447 6.10 -0.31 -17.74
CA THR A 447 5.14 -1.30 -17.18
C THR A 447 5.23 -2.64 -17.93
N LYS A 448 5.64 -2.64 -19.21
CA LYS A 448 5.79 -3.87 -20.02
C LYS A 448 6.83 -4.80 -19.38
N ASP A 449 7.76 -4.27 -18.59
CA ASP A 449 8.84 -5.06 -17.91
C ASP A 449 8.46 -5.35 -16.45
N ASN A 450 7.24 -4.99 -16.04
CA ASN A 450 6.71 -5.23 -14.67
C ASN A 450 5.51 -6.19 -14.77
N HIS A 451 4.95 -6.58 -13.63
CA HIS A 451 3.87 -7.59 -13.54
C HIS A 451 2.53 -6.90 -13.27
N LEU A 452 1.50 -7.20 -14.06
CA LEU A 452 0.15 -6.60 -13.93
C LEU A 452 -0.57 -7.17 -12.70
N LEU A 453 -0.80 -6.33 -11.68
CA LEU A 453 -1.55 -6.71 -10.45
C LEU A 453 -3.04 -6.83 -10.77
N GLY A 454 -3.58 -5.91 -11.57
CA GLY A 454 -5.00 -5.85 -11.93
C GLY A 454 -5.33 -4.62 -12.77
N THR A 455 -6.49 -4.66 -13.42
CA THR A 455 -7.07 -3.55 -14.21
C THR A 455 -8.34 -3.09 -13.50
N PHE A 456 -8.41 -1.82 -13.11
CA PHE A 456 -9.55 -1.22 -12.37
C PHE A 456 -10.22 -0.18 -13.28
N ASP A 457 -11.49 -0.40 -13.62
CA ASP A 457 -12.31 0.51 -14.43
C ASP A 457 -12.88 1.60 -13.51
N LEU A 458 -12.40 2.84 -13.69
CA LEU A 458 -12.91 4.05 -13.01
C LEU A 458 -13.80 4.78 -14.01
N THR A 459 -15.10 4.90 -13.72
CA THR A 459 -16.12 5.53 -14.60
C THR A 459 -16.80 6.68 -13.87
N GLY A 460 -17.45 7.57 -14.62
CA GLY A 460 -18.26 8.68 -14.10
C GLY A 460 -17.53 10.01 -14.14
N ILE A 461 -16.36 10.07 -14.79
CA ILE A 461 -15.58 11.34 -14.95
C ILE A 461 -16.44 12.30 -15.77
N PRO A 462 -16.86 13.46 -15.22
CA PRO A 462 -17.68 14.41 -15.97
C PRO A 462 -16.96 14.86 -17.24
N PRO A 463 -17.69 15.17 -18.33
CA PRO A 463 -17.08 15.70 -19.54
C PRO A 463 -16.26 16.97 -19.24
N ALA A 464 -15.03 17.04 -19.75
CA ALA A 464 -14.11 18.19 -19.62
C ALA A 464 -13.02 18.07 -20.68
N PRO A 465 -12.31 19.18 -21.02
CA PRO A 465 -11.18 19.11 -21.93
C PRO A 465 -10.06 18.19 -21.42
N ARG A 466 -9.17 17.78 -22.32
CA ARG A 466 -8.05 16.84 -22.03
C ARG A 466 -7.14 17.47 -20.97
N GLY A 467 -6.79 16.70 -19.93
CA GLY A 467 -5.84 17.10 -18.88
C GLY A 467 -6.42 18.08 -17.87
N VAL A 468 -7.75 18.26 -17.85
CA VAL A 468 -8.45 19.20 -16.94
C VAL A 468 -8.92 18.49 -15.67
N PRO A 469 -9.66 17.35 -15.74
CA PRO A 469 -10.17 16.71 -14.54
C PRO A 469 -9.02 16.38 -13.58
N GLN A 470 -9.26 16.56 -12.28
CA GLN A 470 -8.26 16.30 -11.20
C GLN A 470 -8.74 15.10 -10.39
N ILE A 471 -8.39 13.90 -10.84
CA ILE A 471 -8.83 12.60 -10.26
C ILE A 471 -7.70 12.07 -9.38
N GLU A 472 -7.91 12.09 -8.07
CA GLU A 472 -6.97 11.52 -7.07
C GLU A 472 -7.19 10.00 -7.01
N VAL A 473 -6.15 9.23 -7.35
CA VAL A 473 -6.13 7.75 -7.21
C VAL A 473 -5.31 7.41 -5.97
N THR A 474 -5.88 6.58 -5.09
CA THR A 474 -5.29 6.18 -3.80
C THR A 474 -5.01 4.68 -3.82
N PHE A 475 -3.79 4.31 -3.46
CA PHE A 475 -3.36 2.92 -3.14
C PHE A 475 -3.33 2.77 -1.62
N GLU A 476 -4.06 1.79 -1.10
CA GLU A 476 -3.98 1.37 0.33
C GLU A 476 -3.54 -0.09 0.37
N ILE A 477 -2.38 -0.35 0.97
CA ILE A 477 -1.93 -1.72 1.32
C ILE A 477 -2.35 -1.97 2.77
N ASP A 478 -3.10 -3.04 3.02
CA ASP A 478 -3.60 -3.39 4.37
C ASP A 478 -2.55 -4.23 5.10
N VAL A 479 -2.86 -4.64 6.33
CA VAL A 479 -1.90 -5.36 7.23
C VAL A 479 -1.62 -6.78 6.68
N ASN A 480 -2.40 -7.27 5.70
CA ASN A 480 -2.18 -8.56 5.00
C ASN A 480 -1.26 -8.38 3.79
N GLY A 481 -0.89 -7.13 3.46
CA GLY A 481 -0.06 -6.77 2.30
C GLY A 481 -0.86 -6.70 1.00
N ILE A 482 -2.19 -6.60 1.08
CA ILE A 482 -3.12 -6.64 -0.09
C ILE A 482 -3.60 -5.21 -0.40
N LEU A 483 -3.74 -4.90 -1.69
CA LEU A 483 -4.01 -3.54 -2.22
C LEU A 483 -5.51 -3.31 -2.35
N ARG A 484 -5.96 -2.12 -1.94
CA ARG A 484 -7.28 -1.53 -2.29
C ARG A 484 -7.04 -0.24 -3.08
N VAL A 485 -7.72 -0.08 -4.22
CA VAL A 485 -7.63 1.12 -5.09
C VAL A 485 -8.94 1.90 -4.95
N THR A 486 -8.85 3.17 -4.54
CA THR A 486 -9.99 4.12 -4.48
C THR A 486 -9.64 5.37 -5.29
N ALA A 487 -10.63 6.23 -5.55
CA ALA A 487 -10.42 7.47 -6.31
C ALA A 487 -11.46 8.51 -5.89
N GLU A 488 -11.11 9.78 -6.11
CA GLU A 488 -11.88 10.96 -5.63
C GLU A 488 -11.62 12.11 -6.60
N ASP A 489 -12.67 12.71 -7.15
CA ASP A 489 -12.60 14.02 -7.85
C ASP A 489 -12.23 15.06 -6.78
N LYS A 490 -11.14 15.78 -6.97
CA LYS A 490 -10.64 16.80 -6.00
C LYS A 490 -11.42 18.11 -6.19
N GLY A 491 -12.04 18.30 -7.35
CA GLY A 491 -12.85 19.48 -7.69
C GLY A 491 -14.29 19.35 -7.20
N THR A 492 -15.06 20.43 -7.30
CA THR A 492 -16.52 20.44 -6.99
C THR A 492 -17.30 19.72 -8.11
N GLY A 493 -18.07 18.70 -7.69
CA GLY A 493 -18.80 17.79 -8.60
C GLY A 493 -20.18 17.46 -8.06
N ASN A 494 -20.95 16.69 -8.85
CA ASN A 494 -22.32 16.28 -8.45
C ASN A 494 -22.23 15.10 -7.49
N LYS A 495 -23.36 14.79 -6.84
CA LYS A 495 -23.59 13.75 -5.81
C LYS A 495 -23.10 12.38 -6.29
N ASN A 496 -23.21 12.09 -7.59
CA ASN A 496 -22.93 10.77 -8.20
C ASN A 496 -21.42 10.62 -8.40
N LYS A 497 -20.73 10.18 -7.36
CA LYS A 497 -19.25 10.01 -7.33
C LYS A 497 -18.81 9.11 -8.49
N ILE A 498 -17.58 9.33 -8.97
CA ILE A 498 -16.82 8.35 -9.80
C ILE A 498 -16.80 7.03 -9.04
N THR A 499 -16.91 5.89 -9.74
CA THR A 499 -16.93 4.52 -9.16
C THR A 499 -15.79 3.68 -9.75
N ILE A 500 -15.23 2.77 -8.96
CA ILE A 500 -14.17 1.81 -9.39
C ILE A 500 -14.74 0.38 -9.33
N THR A 501 -14.56 -0.39 -10.41
CA THR A 501 -14.78 -1.86 -10.44
C THR A 501 -13.46 -2.56 -10.79
N ASN A 502 -13.10 -3.62 -10.08
CA ASN A 502 -11.88 -4.43 -10.37
C ASN A 502 -12.08 -5.17 -11.70
N ASP A 503 -11.00 -5.71 -12.26
CA ASP A 503 -11.10 -6.69 -13.38
C ASP A 503 -11.77 -7.93 -12.80
N GLN A 504 -12.43 -8.72 -13.65
CA GLN A 504 -13.13 -9.96 -13.22
C GLN A 504 -12.17 -11.15 -13.43
N ASN A 505 -10.86 -10.91 -13.39
CA ASN A 505 -9.80 -11.91 -13.68
C ASN A 505 -9.40 -12.64 -12.38
N ARG A 506 -9.94 -12.22 -11.24
CA ARG A 506 -9.84 -12.96 -9.95
C ARG A 506 -11.22 -13.50 -9.59
N LEU A 507 -11.26 -14.63 -8.89
CA LEU A 507 -12.49 -15.30 -8.39
C LEU A 507 -13.49 -14.22 -7.90
N THR A 508 -14.70 -14.22 -8.47
CA THR A 508 -15.82 -13.31 -8.10
C THR A 508 -16.46 -13.82 -6.81
N PRO A 509 -17.19 -12.98 -6.03
CA PRO A 509 -17.89 -13.44 -4.83
C PRO A 509 -18.84 -14.62 -5.10
N GLU A 510 -19.50 -14.62 -6.25
CA GLU A 510 -20.40 -15.71 -6.72
C GLU A 510 -19.58 -16.99 -6.88
N GLU A 511 -18.44 -16.91 -7.57
CA GLU A 511 -17.53 -18.06 -7.84
C GLU A 511 -17.03 -18.64 -6.51
N ILE A 512 -16.68 -17.77 -5.55
CA ILE A 512 -16.16 -18.19 -4.21
C ILE A 512 -17.27 -18.92 -3.45
N GLU A 513 -18.49 -18.36 -3.41
CA GLU A 513 -19.65 -18.94 -2.68
C GLU A 513 -19.91 -20.36 -3.22
N ARG A 514 -19.92 -20.54 -4.54
CA ARG A 514 -20.08 -21.85 -5.24
C ARG A 514 -19.01 -22.84 -4.73
N MET A 515 -17.73 -22.41 -4.73
CA MET A 515 -16.57 -23.26 -4.34
C MET A 515 -16.66 -23.58 -2.83
N VAL A 516 -17.10 -22.63 -2.01
CA VAL A 516 -17.39 -22.83 -0.56
C VAL A 516 -18.43 -23.97 -0.43
N ASN A 517 -19.53 -23.85 -1.15
CA ASN A 517 -20.69 -24.79 -1.10
C ASN A 517 -20.24 -26.18 -1.56
N ASP A 518 -19.51 -26.25 -2.68
N ASP A 518 -19.49 -26.27 -2.67
CA ASP A 518 -18.95 -27.49 -3.26
CA ASP A 518 -19.00 -27.56 -3.23
C ASP A 518 -18.03 -28.19 -2.24
C ASP A 518 -18.01 -28.21 -2.25
N ALA A 519 -17.22 -27.41 -1.53
CA ALA A 519 -16.25 -27.89 -0.52
C ALA A 519 -16.98 -28.42 0.73
N GLU A 520 -18.11 -27.79 1.10
CA GLU A 520 -18.94 -28.19 2.28
C GLU A 520 -19.47 -29.63 2.12
N LYS A 521 -19.55 -30.14 0.89
CA LYS A 521 -20.11 -31.49 0.57
C LYS A 521 -19.02 -32.57 0.70
N PHE A 522 -17.83 -32.21 1.18
CA PHE A 522 -16.73 -33.16 1.56
C PHE A 522 -16.26 -32.88 3.00
N ALA A 523 -16.86 -31.90 3.68
CA ALA A 523 -16.41 -31.37 5.00
C ALA A 523 -16.94 -32.26 6.13
N SER B 1 -8.31 -1.53 20.21
CA SER B 1 -7.48 -2.54 19.49
C SER B 1 -6.36 -3.03 20.42
N LEU B 2 -6.27 -4.34 20.65
CA LEU B 2 -5.16 -4.96 21.44
C LEU B 2 -3.83 -4.72 20.71
N GLU B 3 -3.83 -4.77 19.38
CA GLU B 3 -2.62 -4.53 18.54
C GLU B 3 -2.15 -3.09 18.72
N ALA B 4 -3.07 -2.12 18.70
CA ALA B 4 -2.79 -0.69 18.90
C ALA B 4 -2.13 -0.49 20.27
N ARG B 5 -2.70 -1.07 21.33
CA ARG B 5 -2.19 -0.90 22.73
C ARG B 5 -0.77 -1.49 22.82
N ALA B 6 -0.50 -2.64 22.20
CA ALA B 6 0.82 -3.29 22.18
C ALA B 6 1.85 -2.37 21.50
N ALA B 7 1.50 -1.79 20.34
CA ALA B 7 2.36 -0.85 19.59
C ALA B 7 2.66 0.38 20.46
N LEU B 8 1.64 0.94 21.12
CA LEU B 8 1.84 2.14 21.98
C LEU B 8 2.79 1.78 23.14
N ASN B 9 2.57 0.64 23.80
CA ASN B 9 3.42 0.18 24.94
C ASN B 9 4.87 0.08 24.46
N GLN B 10 5.09 -0.53 23.30
CA GLN B 10 6.46 -0.69 22.71
C GLN B 10 7.01 0.68 22.33
N ALA B 11 6.19 1.58 21.77
CA ALA B 11 6.59 2.96 21.42
C ALA B 11 7.16 3.66 22.66
N LEU B 12 6.48 3.55 23.81
CA LEU B 12 6.89 4.21 25.08
C LEU B 12 8.20 3.61 25.57
N GLU B 13 8.35 2.28 25.50
CA GLU B 13 9.59 1.58 25.93
C GLU B 13 10.77 2.04 25.07
N MET B 14 10.59 2.10 23.74
CA MET B 14 11.67 2.49 22.79
C MET B 14 12.03 3.97 23.00
N LYS B 15 11.03 4.83 23.26
CA LYS B 15 11.27 6.26 23.60
C LYS B 15 12.14 6.34 24.86
N ARG B 16 11.81 5.57 25.90
CA ARG B 16 12.54 5.55 27.20
C ARG B 16 14.00 5.16 26.96
N GLN B 17 14.24 4.23 26.04
CA GLN B 17 15.60 3.70 25.73
C GLN B 17 16.40 4.74 24.92
N GLY B 18 15.72 5.66 24.24
CA GLY B 18 16.34 6.64 23.34
C GLY B 18 16.35 6.16 21.89
N LYS B 19 15.64 5.07 21.59
CA LYS B 19 15.46 4.58 20.19
C LYS B 19 14.29 5.33 19.56
N ARG B 20 14.52 6.60 19.21
CA ARG B 20 13.45 7.56 18.87
C ARG B 20 12.88 7.23 17.48
N GLU B 21 13.72 6.83 16.53
CA GLU B 21 13.27 6.39 15.19
C GLU B 21 12.29 5.22 15.33
N LYS B 22 12.62 4.26 16.21
CA LYS B 22 11.79 3.05 16.40
C LYS B 22 10.49 3.43 17.13
N ALA B 23 10.59 4.30 18.15
CA ALA B 23 9.44 4.83 18.90
C ALA B 23 8.46 5.51 17.92
N GLN B 24 8.95 6.38 17.05
CA GLN B 24 8.13 7.11 16.03
C GLN B 24 7.38 6.08 15.17
N LYS B 25 8.09 5.04 14.71
CA LYS B 25 7.53 3.99 13.82
C LYS B 25 6.39 3.28 14.55
N LEU B 26 6.56 3.02 15.85
CA LEU B 26 5.57 2.29 16.67
C LEU B 26 4.37 3.18 16.98
N PHE B 27 4.57 4.49 17.25
CA PHE B 27 3.46 5.47 17.44
C PHE B 27 2.58 5.48 16.19
N MET B 28 3.21 5.55 15.01
N MET B 28 3.21 5.58 15.01
CA MET B 28 2.50 5.62 13.70
CA MET B 28 2.52 5.60 13.69
C MET B 28 1.76 4.31 13.44
C MET B 28 1.73 4.30 13.52
N HIS B 29 2.35 3.16 13.82
CA HIS B 29 1.71 1.83 13.71
C HIS B 29 0.46 1.79 14.61
N ALA B 30 0.59 2.22 15.86
CA ALA B 30 -0.54 2.29 16.83
C ALA B 30 -1.69 3.09 16.21
N LEU B 31 -1.39 4.23 15.58
CA LEU B 31 -2.43 5.17 15.05
C LEU B 31 -2.96 4.68 13.70
N LYS B 32 -2.22 3.86 12.96
CA LYS B 32 -2.76 3.11 11.79
C LYS B 32 -3.78 2.08 12.28
N MET B 33 -3.45 1.33 13.33
CA MET B 33 -4.30 0.25 13.90
C MET B 33 -5.57 0.88 14.51
N ASP B 34 -5.46 2.08 15.10
CA ASP B 34 -6.61 2.82 15.69
C ASP B 34 -6.38 4.31 15.52
N PRO B 35 -6.82 4.91 14.39
CA PRO B 35 -6.64 6.35 14.16
C PRO B 35 -7.17 7.29 15.26
N ASP B 36 -8.14 6.84 16.07
CA ASP B 36 -8.78 7.68 17.12
C ASP B 36 -8.29 7.28 18.52
N PHE B 37 -7.14 6.61 18.60
CA PHE B 37 -6.55 6.12 19.87
C PHE B 37 -6.03 7.33 20.65
N VAL B 38 -6.81 7.78 21.64
CA VAL B 38 -6.60 9.05 22.39
C VAL B 38 -5.23 9.01 23.08
N ASP B 39 -4.91 7.93 23.80
CA ASP B 39 -3.63 7.77 24.53
C ASP B 39 -2.46 7.86 23.54
N ALA B 40 -2.58 7.24 22.37
CA ALA B 40 -1.51 7.23 21.33
C ALA B 40 -1.34 8.64 20.75
N LEU B 41 -2.43 9.34 20.44
CA LEU B 41 -2.37 10.73 19.94
C LEU B 41 -1.64 11.60 20.96
N THR B 42 -1.99 11.46 22.24
CA THR B 42 -1.43 12.27 23.36
C THR B 42 0.07 11.98 23.51
N GLU B 43 0.44 10.70 23.64
CA GLU B 43 1.85 10.28 23.83
C GLU B 43 2.68 10.67 22.60
N PHE B 44 2.11 10.56 21.40
CA PHE B 44 2.80 10.95 20.13
C PHE B 44 2.98 12.49 20.12
N GLY B 45 2.05 13.22 20.74
CA GLY B 45 2.18 14.66 20.98
C GLY B 45 3.36 14.99 21.87
N ILE B 46 3.49 14.30 23.01
CA ILE B 46 4.63 14.47 23.96
C ILE B 46 5.95 14.17 23.24
N PHE B 47 5.99 13.15 22.38
CA PHE B 47 7.17 12.76 21.56
C PHE B 47 7.56 13.94 20.67
N SER B 48 6.59 14.54 19.97
CA SER B 48 6.75 15.77 19.13
C SER B 48 7.34 16.91 19.96
N GLU B 49 6.77 17.15 21.14
CA GLU B 49 7.16 18.26 22.07
C GLU B 49 8.62 18.08 22.53
N GLU B 50 9.07 16.82 22.71
CA GLU B 50 10.47 16.50 23.09
C GLU B 50 11.43 16.93 21.98
N ASP B 51 10.98 16.84 20.72
CA ASP B 51 11.72 17.28 19.51
C ASP B 51 11.50 18.78 19.27
N LYS B 52 10.90 19.50 20.23
CA LYS B 52 10.63 20.96 20.18
C LYS B 52 9.77 21.31 18.95
N ASP B 53 8.88 20.40 18.53
CA ASP B 53 7.83 20.65 17.51
C ASP B 53 6.53 20.94 18.27
N ILE B 54 6.39 22.17 18.76
CA ILE B 54 5.27 22.59 19.66
C ILE B 54 3.97 22.58 18.86
N ILE B 55 3.97 23.05 17.62
CA ILE B 55 2.77 23.14 16.76
C ILE B 55 2.20 21.73 16.55
N GLN B 56 3.07 20.75 16.26
CA GLN B 56 2.63 19.35 16.02
C GLN B 56 2.14 18.73 17.33
N ALA B 57 2.88 18.92 18.42
CA ALA B 57 2.50 18.43 19.77
C ALA B 57 1.08 18.94 20.07
N ASP B 58 0.88 20.24 19.92
CA ASP B 58 -0.40 20.94 20.21
C ASP B 58 -1.51 20.41 19.30
N TYR B 59 -1.23 20.26 18.01
CA TYR B 59 -2.17 19.66 17.01
C TYR B 59 -2.69 18.31 17.52
N LEU B 60 -1.79 17.48 18.05
CA LEU B 60 -2.12 16.10 18.47
C LEU B 60 -2.92 16.13 19.78
N TYR B 61 -2.53 16.97 20.74
CA TYR B 61 -3.28 17.14 22.02
C TYR B 61 -4.70 17.62 21.69
N THR B 62 -4.83 18.56 20.75
CA THR B 62 -6.12 19.18 20.34
C THR B 62 -6.99 18.12 19.67
N ARG B 63 -6.42 17.36 18.73
CA ARG B 63 -7.09 16.21 18.06
C ARG B 63 -7.57 15.20 19.11
N ALA B 64 -6.73 14.87 20.09
CA ALA B 64 -7.09 13.95 21.20
C ALA B 64 -8.34 14.48 21.92
N LEU B 65 -8.35 15.78 22.25
CA LEU B 65 -9.45 16.41 23.04
C LEU B 65 -10.74 16.54 22.21
N THR B 66 -10.66 16.67 20.89
CA THR B 66 -11.87 16.70 20.02
C THR B 66 -12.55 15.32 20.06
N ILE B 67 -11.79 14.24 20.24
CA ILE B 67 -12.33 12.85 20.40
C ILE B 67 -12.82 12.65 21.84
N SER B 68 -12.02 13.06 22.83
CA SER B 68 -12.25 12.80 24.27
C SER B 68 -12.05 14.09 25.07
N PRO B 69 -13.09 14.98 25.11
CA PRO B 69 -12.95 16.32 25.68
C PRO B 69 -12.49 16.43 27.15
N TYR B 70 -12.63 15.37 27.95
CA TYR B 70 -12.31 15.37 29.40
C TYR B 70 -11.05 14.54 29.69
N HIS B 71 -10.31 14.15 28.65
CA HIS B 71 -9.05 13.37 28.79
C HIS B 71 -8.04 14.21 29.59
N GLU B 72 -7.70 13.76 30.80
CA GLU B 72 -6.91 14.53 31.80
C GLU B 72 -5.53 14.86 31.25
N LYS B 73 -4.81 13.87 30.71
CA LYS B 73 -3.41 14.02 30.22
C LYS B 73 -3.39 14.98 29.02
N ALA B 74 -4.32 14.81 28.07
CA ALA B 74 -4.46 15.66 26.87
C ALA B 74 -4.74 17.10 27.29
N LEU B 75 -5.63 17.30 28.27
CA LEU B 75 -6.03 18.65 28.80
C LEU B 75 -4.81 19.35 29.41
N VAL B 76 -4.05 18.66 30.27
CA VAL B 76 -2.85 19.22 30.96
C VAL B 76 -1.81 19.61 29.90
N ASN B 77 -1.61 18.76 28.89
CA ASN B 77 -0.60 18.98 27.81
C ASN B 77 -1.03 20.18 26.94
N ARG B 78 -2.27 20.18 26.45
CA ARG B 78 -2.83 21.28 25.62
C ARG B 78 -2.74 22.60 26.40
N ASP B 79 -3.07 22.58 27.70
CA ASP B 79 -3.04 23.79 28.58
C ASP B 79 -1.62 24.36 28.62
N ARG B 80 -0.59 23.52 28.51
CA ARG B 80 0.83 23.96 28.46
C ARG B 80 1.14 24.55 27.07
N THR B 81 0.76 23.89 25.98
CA THR B 81 1.16 24.26 24.59
C THR B 81 0.30 25.42 24.07
N LEU B 82 -0.92 25.61 24.61
CA LEU B 82 -1.87 26.64 24.09
C LEU B 82 -1.16 27.99 24.00
N PRO B 83 -0.58 28.53 25.09
CA PRO B 83 0.11 29.83 25.01
C PRO B 83 1.37 29.82 24.14
N LEU B 84 2.11 28.70 24.11
CA LEU B 84 3.36 28.56 23.31
C LEU B 84 3.01 28.65 21.82
N VAL B 85 1.91 28.03 21.39
CA VAL B 85 1.48 28.05 19.96
C VAL B 85 1.00 29.47 19.61
N GLU B 86 0.24 30.12 20.49
CA GLU B 86 -0.21 31.53 20.28
C GLU B 86 1.01 32.42 20.05
N GLU B 87 2.07 32.26 20.85
CA GLU B 87 3.35 33.02 20.73
C GLU B 87 3.96 32.76 19.35
N ILE B 88 4.06 31.50 18.94
CA ILE B 88 4.68 31.08 17.65
C ILE B 88 3.88 31.68 16.48
N ASP B 89 2.55 31.48 16.47
CA ASP B 89 1.67 31.87 15.34
C ASP B 89 1.64 33.40 15.23
N GLN B 90 1.61 34.10 16.36
CA GLN B 90 1.64 35.59 16.41
C GLN B 90 3.01 36.09 15.94
N ARG B 91 4.09 35.37 16.25
CA ARG B 91 5.48 35.79 15.85
C ARG B 91 5.57 35.77 14.31
N TYR B 92 5.00 34.74 13.69
CA TYR B 92 4.99 34.58 12.21
C TYR B 92 4.20 35.73 11.57
N PHE B 93 3.06 36.10 12.16
CA PHE B 93 2.23 37.24 11.70
C PHE B 93 3.04 38.54 11.76
N SER B 94 3.84 38.73 12.83
N SER B 94 3.85 38.72 12.82
CA SER B 94 4.72 39.90 13.03
CA SER B 94 4.72 39.91 13.02
C SER B 94 5.76 39.97 11.90
C SER B 94 5.78 39.98 11.91
N ILE B 95 6.39 38.84 11.57
CA ILE B 95 7.42 38.74 10.49
C ILE B 95 6.76 39.12 9.16
N ILE B 96 5.57 38.60 8.90
CA ILE B 96 4.75 38.92 7.68
C ILE B 96 4.46 40.43 7.67
N ASP B 97 4.02 41.00 8.79
CA ASP B 97 3.67 42.44 8.90
C ASP B 97 4.89 43.31 8.56
N SER B 98 6.09 42.92 9.02
CA SER B 98 7.36 43.62 8.72
C SER B 98 7.62 43.63 7.21
N LYS B 99 7.35 42.52 6.53
CA LYS B 99 7.60 42.34 5.08
C LYS B 99 6.57 43.13 4.27
N VAL B 100 5.32 43.22 4.75
CA VAL B 100 4.29 44.10 4.15
C VAL B 100 4.80 45.54 4.18
N LYS B 101 5.32 45.99 5.32
CA LYS B 101 5.87 47.37 5.49
C LYS B 101 7.08 47.55 4.55
N LYS B 102 7.93 46.52 4.40
CA LYS B 102 9.09 46.56 3.47
C LYS B 102 8.60 46.78 2.04
N VAL B 103 7.49 46.12 1.64
CA VAL B 103 6.88 46.33 0.29
C VAL B 103 6.45 47.80 0.19
N MET B 104 5.75 48.31 1.20
CA MET B 104 5.25 49.71 1.22
C MET B 104 6.42 50.71 1.28
N SER B 105 7.58 50.29 1.81
CA SER B 105 8.84 51.08 1.88
C SER B 105 9.49 51.24 0.49
N ILE B 106 9.12 50.42 -0.50
CA ILE B 106 9.70 50.50 -1.88
C ILE B 106 9.50 51.93 -2.38
N PRO B 107 10.58 52.64 -2.78
CA PRO B 107 10.44 53.99 -3.34
C PRO B 107 9.35 54.09 -4.41
N LYS B 108 8.72 55.27 -4.53
CA LYS B 108 7.57 55.54 -5.44
C LYS B 108 8.05 55.54 -6.90
N GLY B 109 9.34 55.78 -7.14
CA GLY B 109 9.98 55.75 -8.47
C GLY B 109 10.79 54.48 -8.69
N ASN B 110 10.20 53.32 -8.40
CA ASN B 110 10.80 51.98 -8.65
C ASN B 110 10.11 51.37 -9.87
N SER B 111 10.87 51.18 -10.96
CA SER B 111 10.37 50.68 -12.27
C SER B 111 9.98 49.21 -12.15
N ALA B 112 10.77 48.45 -11.39
CA ALA B 112 10.62 46.98 -11.19
C ALA B 112 9.28 46.64 -10.51
N LEU B 113 8.73 47.55 -9.70
CA LEU B 113 7.49 47.29 -8.91
C LEU B 113 6.28 47.25 -9.86
N ARG B 114 6.18 48.17 -10.81
CA ARG B 114 5.06 48.21 -11.79
C ARG B 114 5.13 46.96 -12.69
N ARG B 115 6.32 46.64 -13.21
CA ARG B 115 6.62 45.41 -13.99
C ARG B 115 6.08 44.19 -13.22
N VAL B 116 6.54 44.04 -11.97
CA VAL B 116 6.29 42.85 -11.11
C VAL B 116 4.79 42.72 -10.78
N MET B 117 4.11 43.85 -10.53
N MET B 117 4.11 43.84 -10.54
CA MET B 117 2.66 43.87 -10.18
CA MET B 117 2.66 43.86 -10.17
C MET B 117 1.84 43.38 -11.37
C MET B 117 1.83 43.39 -11.37
N GLU B 118 2.17 43.85 -12.58
CA GLU B 118 1.50 43.44 -13.85
C GLU B 118 1.70 41.93 -14.05
N GLU B 119 2.95 41.47 -14.02
CA GLU B 119 3.33 40.04 -14.11
C GLU B 119 2.60 39.23 -13.01
N THR B 120 2.53 39.76 -11.79
CA THR B 120 1.90 39.10 -10.60
C THR B 120 0.39 38.92 -10.85
N TYR B 121 -0.25 39.84 -11.57
CA TYR B 121 -1.69 39.78 -11.95
C TYR B 121 -1.96 38.54 -12.80
N TYR B 122 -1.21 38.38 -13.90
CA TYR B 122 -1.32 37.23 -14.83
C TYR B 122 -0.94 35.93 -14.11
N HIS B 123 0.07 36.01 -13.23
CA HIS B 123 0.54 34.90 -12.37
C HIS B 123 -0.64 34.44 -11.48
N HIS B 124 -1.39 35.37 -10.87
CA HIS B 124 -2.52 35.02 -9.98
C HIS B 124 -3.58 34.26 -10.78
N ILE B 125 -3.98 34.79 -11.94
CA ILE B 125 -5.00 34.15 -12.82
C ILE B 125 -4.51 32.74 -13.17
N TYR B 126 -3.25 32.61 -13.61
CA TYR B 126 -2.64 31.31 -14.01
C TYR B 126 -2.85 30.27 -12.90
N HIS B 127 -2.37 30.57 -11.69
CA HIS B 127 -2.39 29.63 -10.54
C HIS B 127 -3.84 29.34 -10.09
N THR B 128 -4.74 30.33 -10.10
CA THR B 128 -6.11 30.18 -9.55
C THR B 128 -6.93 29.27 -10.49
N VAL B 129 -6.71 29.35 -11.80
CA VAL B 129 -7.41 28.48 -12.79
C VAL B 129 -6.68 27.12 -12.87
N ALA B 130 -5.36 27.09 -12.75
CA ALA B 130 -4.54 25.86 -12.92
C ALA B 130 -4.77 24.91 -11.72
N ILE B 131 -4.95 25.45 -10.52
CA ILE B 131 -5.40 24.69 -9.32
C ILE B 131 -6.60 23.82 -9.70
N GLU B 132 -7.55 24.37 -10.46
CA GLU B 132 -8.82 23.69 -10.81
C GLU B 132 -8.63 22.80 -12.06
N GLY B 133 -7.41 22.76 -12.61
CA GLY B 133 -7.02 21.83 -13.69
C GLY B 133 -6.87 22.50 -15.05
N ASN B 134 -7.12 23.80 -15.14
CA ASN B 134 -6.97 24.59 -16.39
C ASN B 134 -5.53 24.43 -16.90
N THR B 135 -5.36 24.09 -18.19
CA THR B 135 -4.05 23.71 -18.79
C THR B 135 -3.43 24.89 -19.56
N LEU B 136 -4.09 26.05 -19.64
CA LEU B 136 -3.53 27.25 -20.32
C LEU B 136 -2.24 27.65 -19.61
N THR B 137 -1.22 28.05 -20.38
CA THR B 137 0.08 28.56 -19.88
C THR B 137 -0.05 30.04 -19.57
N LEU B 138 0.82 30.54 -18.67
CA LEU B 138 0.96 31.97 -18.30
C LEU B 138 0.95 32.85 -19.57
N SER B 139 1.78 32.51 -20.56
CA SER B 139 1.96 33.27 -21.81
C SER B 139 0.68 33.23 -22.65
N GLU B 140 -0.03 32.09 -22.65
CA GLU B 140 -1.34 31.92 -23.34
C GLU B 140 -2.40 32.81 -22.67
N ILE B 141 -2.38 32.89 -21.34
CA ILE B 141 -3.30 33.74 -20.52
C ILE B 141 -3.03 35.22 -20.84
N ARG B 142 -1.76 35.64 -20.82
CA ARG B 142 -1.34 37.02 -21.16
C ARG B 142 -1.86 37.36 -22.57
N HIS B 143 -1.73 36.42 -23.52
CA HIS B 143 -2.15 36.58 -24.94
C HIS B 143 -3.67 36.78 -25.02
N ILE B 144 -4.44 35.90 -24.39
CA ILE B 144 -5.93 35.93 -24.38
C ILE B 144 -6.41 37.32 -23.92
N LEU B 145 -5.83 37.84 -22.83
CA LEU B 145 -6.33 39.07 -22.13
C LEU B 145 -5.83 40.34 -22.83
N GLU B 146 -4.63 40.33 -23.42
CA GLU B 146 -4.02 41.52 -24.08
C GLU B 146 -4.54 41.64 -25.53
N THR B 147 -4.58 40.54 -26.28
CA THR B 147 -4.93 40.52 -27.74
C THR B 147 -6.42 40.24 -27.94
N ARG B 148 -7.06 39.52 -27.01
CA ARG B 148 -8.49 39.12 -27.06
C ARG B 148 -8.73 38.14 -28.22
N TYR B 149 -7.67 37.46 -28.68
CA TYR B 149 -7.73 36.39 -29.72
C TYR B 149 -7.68 35.03 -29.02
N ALA B 150 -8.47 34.07 -29.52
CA ALA B 150 -8.47 32.65 -29.08
C ALA B 150 -7.10 32.04 -29.38
N VAL B 151 -6.48 31.38 -28.40
CA VAL B 151 -5.27 30.53 -28.64
C VAL B 151 -5.73 29.29 -29.39
N PRO B 152 -5.08 28.94 -30.53
CA PRO B 152 -5.58 27.85 -31.38
C PRO B 152 -5.44 26.48 -30.71
N GLY B 153 -6.46 25.62 -30.88
CA GLY B 153 -6.45 24.21 -30.44
C GLY B 153 -6.57 24.06 -28.93
N LYS B 154 -7.04 25.09 -28.21
CA LYS B 154 -7.32 25.03 -26.75
C LYS B 154 -8.81 25.29 -26.53
N SER B 155 -9.41 24.62 -25.55
CA SER B 155 -10.88 24.56 -25.31
C SER B 155 -11.44 25.97 -25.09
N ASP B 156 -12.72 26.16 -25.47
CA ASP B 156 -13.50 27.39 -25.20
C ASP B 156 -13.61 27.61 -23.68
N GLU B 157 -13.96 26.55 -22.95
N GLU B 157 -13.96 26.55 -22.95
CA GLU B 157 -14.21 26.58 -21.48
CA GLU B 157 -14.20 26.57 -21.48
C GLU B 157 -12.99 27.15 -20.75
C GLU B 157 -12.99 27.17 -20.75
N GLU B 158 -11.80 26.60 -20.98
CA GLU B 158 -10.54 27.02 -20.31
C GLU B 158 -10.27 28.51 -20.58
N GLN B 159 -10.46 28.96 -21.82
CA GLN B 159 -10.24 30.39 -22.20
C GLN B 159 -11.28 31.24 -21.48
N ASN B 160 -12.53 30.78 -21.43
CA ASN B 160 -13.66 31.52 -20.81
C ASN B 160 -13.47 31.60 -19.29
N GLU B 161 -12.79 30.62 -18.68
CA GLU B 161 -12.44 30.65 -17.24
C GLU B 161 -11.47 31.81 -16.99
N VAL B 162 -10.52 32.01 -17.89
CA VAL B 162 -9.45 33.06 -17.76
C VAL B 162 -10.10 34.45 -17.94
N ILE B 163 -11.00 34.58 -18.92
CA ILE B 163 -11.73 35.85 -19.20
C ILE B 163 -12.57 36.20 -17.97
N GLY B 164 -13.29 35.22 -17.44
CA GLY B 164 -14.11 35.37 -16.22
C GLY B 164 -13.30 35.91 -15.05
N MET B 165 -12.13 35.32 -14.78
CA MET B 165 -11.25 35.69 -13.64
C MET B 165 -10.80 37.14 -13.81
N HIS B 166 -10.40 37.53 -15.03
CA HIS B 166 -9.98 38.90 -15.39
C HIS B 166 -11.14 39.86 -15.09
N ALA B 167 -12.33 39.55 -15.60
CA ALA B 167 -13.56 40.34 -15.40
C ALA B 167 -13.81 40.53 -13.90
N ALA B 168 -13.72 39.45 -13.13
CA ALA B 168 -13.98 39.41 -11.68
C ALA B 168 -12.97 40.31 -10.94
N MET B 169 -11.68 40.19 -11.26
CA MET B 169 -10.58 40.90 -10.56
C MET B 169 -10.65 42.40 -10.86
N LYS B 170 -10.99 42.77 -12.10
CA LYS B 170 -11.23 44.18 -12.51
C LYS B 170 -12.38 44.76 -11.68
N TYR B 171 -13.51 44.04 -11.60
CA TYR B 171 -14.70 44.45 -10.83
C TYR B 171 -14.30 44.70 -9.37
N ILE B 172 -13.63 43.73 -8.75
CA ILE B 172 -13.20 43.79 -7.31
C ILE B 172 -12.32 45.03 -7.10
N ASN B 173 -11.28 45.20 -7.91
CA ASN B 173 -10.23 46.23 -7.70
C ASN B 173 -10.79 47.64 -7.96
N THR B 174 -11.79 47.77 -8.86
CA THR B 174 -12.38 49.07 -9.28
C THR B 174 -13.61 49.42 -8.44
N THR B 175 -14.37 48.43 -7.93
CA THR B 175 -15.69 48.65 -7.29
C THR B 175 -15.67 48.32 -5.78
N LEU B 176 -14.89 47.33 -5.34
CA LEU B 176 -15.02 46.76 -3.97
C LEU B 176 -13.84 47.13 -3.07
N VAL B 177 -12.59 47.07 -3.56
CA VAL B 177 -11.37 47.23 -2.72
C VAL B 177 -11.44 48.59 -2.00
N SER B 178 -11.73 49.66 -2.75
CA SER B 178 -11.71 51.07 -2.28
C SER B 178 -13.00 51.43 -1.55
N ARG B 179 -14.05 50.60 -1.66
CA ARG B 179 -15.43 50.94 -1.24
C ARG B 179 -15.55 50.83 0.28
N ILE B 180 -16.22 51.81 0.90
CA ILE B 180 -16.57 51.83 2.36
C ILE B 180 -17.90 51.08 2.53
N GLY B 181 -18.05 50.35 3.64
CA GLY B 181 -19.30 49.63 4.00
C GLY B 181 -19.10 48.13 4.04
N SER B 182 -20.14 47.41 4.50
CA SER B 182 -20.16 45.94 4.70
C SER B 182 -19.96 45.21 3.37
N VAL B 183 -19.38 44.01 3.42
CA VAL B 183 -19.31 43.05 2.28
C VAL B 183 -20.57 42.16 2.34
N THR B 184 -21.46 42.30 1.37
CA THR B 184 -22.79 41.63 1.31
C THR B 184 -22.71 40.33 0.49
N ILE B 185 -23.71 39.44 0.65
CA ILE B 185 -23.92 38.24 -0.21
C ILE B 185 -23.95 38.71 -1.68
N SER B 186 -24.67 39.79 -1.97
CA SER B 186 -24.80 40.38 -3.32
C SER B 186 -23.41 40.66 -3.92
N ASP B 187 -22.44 41.11 -3.12
CA ASP B 187 -21.04 41.36 -3.57
C ASP B 187 -20.42 40.03 -3.99
N VAL B 188 -20.57 38.99 -3.17
CA VAL B 188 -20.02 37.63 -3.45
C VAL B 188 -20.65 37.10 -4.76
N LEU B 189 -21.96 37.33 -4.95
CA LEU B 189 -22.70 36.86 -6.15
C LEU B 189 -22.20 37.61 -7.39
N GLU B 190 -21.94 38.91 -7.28
CA GLU B 190 -21.41 39.74 -8.40
C GLU B 190 -20.02 39.23 -8.80
N ILE B 191 -19.19 38.84 -7.83
CA ILE B 191 -17.84 38.27 -8.09
C ILE B 191 -18.03 36.96 -8.86
N HIS B 192 -18.88 36.05 -8.35
CA HIS B 192 -19.12 34.72 -8.95
C HIS B 192 -19.70 34.86 -10.37
N ARG B 193 -20.56 35.85 -10.59
CA ARG B 193 -21.25 36.07 -11.89
C ARG B 193 -20.19 36.35 -12.97
N ARG B 194 -19.10 37.01 -12.59
CA ARG B 194 -17.96 37.29 -13.48
C ARG B 194 -17.06 36.06 -13.59
N VAL B 195 -16.77 35.39 -12.46
CA VAL B 195 -15.89 34.17 -12.44
C VAL B 195 -16.45 33.15 -13.44
N LEU B 196 -17.75 32.86 -13.39
CA LEU B 196 -18.39 31.70 -14.08
C LEU B 196 -19.22 32.15 -15.28
N GLY B 197 -19.38 33.46 -15.50
CA GLY B 197 -20.32 34.06 -16.46
C GLY B 197 -20.05 33.67 -17.91
N TYR B 198 -18.79 33.57 -18.31
CA TYR B 198 -18.39 33.32 -19.71
C TYR B 198 -18.41 31.81 -20.00
N VAL B 199 -18.36 30.99 -18.95
CA VAL B 199 -18.38 29.50 -19.01
C VAL B 199 -19.82 29.01 -18.88
N ASP B 200 -20.53 29.47 -17.85
CA ASP B 200 -21.87 28.96 -17.46
C ASP B 200 -22.76 30.14 -17.09
N PRO B 201 -23.29 30.91 -18.07
CA PRO B 201 -24.09 32.10 -17.81
C PRO B 201 -25.34 31.84 -16.95
N VAL B 202 -25.86 30.60 -16.95
CA VAL B 202 -27.10 30.23 -16.21
C VAL B 202 -26.79 30.16 -14.71
N GLU B 203 -25.69 29.51 -14.32
CA GLU B 203 -25.32 29.26 -12.90
C GLU B 203 -24.55 30.45 -12.32
N ALA B 204 -23.91 31.26 -13.17
CA ALA B 204 -23.10 32.43 -12.77
C ALA B 204 -23.94 33.40 -11.93
N GLY B 205 -23.54 33.63 -10.68
CA GLY B 205 -24.16 34.61 -9.77
C GLY B 205 -25.37 34.06 -9.04
N ARG B 206 -25.54 32.74 -8.94
N ARG B 206 -25.50 32.73 -8.98
CA ARG B 206 -26.66 32.16 -8.17
CA ARG B 206 -26.63 31.98 -8.35
C ARG B 206 -26.20 30.90 -7.45
C ARG B 206 -26.08 30.92 -7.39
N PHE B 207 -26.81 30.65 -6.29
CA PHE B 207 -26.54 29.47 -5.43
C PHE B 207 -26.99 28.21 -6.20
N ARG B 208 -26.28 27.11 -5.99
CA ARG B 208 -26.65 25.76 -6.50
C ARG B 208 -28.01 25.38 -5.90
N THR B 209 -28.81 24.63 -6.66
CA THR B 209 -30.11 24.05 -6.24
C THR B 209 -29.94 22.54 -6.00
N THR B 210 -28.74 22.01 -6.24
CA THR B 210 -28.40 20.56 -6.14
C THR B 210 -27.33 20.34 -5.05
N GLN B 211 -27.23 19.11 -4.55
CA GLN B 211 -26.11 18.67 -3.67
C GLN B 211 -24.86 18.53 -4.54
N VAL B 212 -23.74 19.09 -4.08
CA VAL B 212 -22.41 18.86 -4.71
C VAL B 212 -21.50 18.19 -3.68
N LEU B 213 -20.37 17.65 -4.16
CA LEU B 213 -19.25 17.15 -3.33
C LEU B 213 -18.02 17.98 -3.68
N VAL B 214 -17.15 18.20 -2.70
CA VAL B 214 -15.88 18.96 -2.83
C VAL B 214 -14.76 18.06 -2.32
N GLY B 215 -14.11 17.31 -3.20
CA GLY B 215 -13.16 16.24 -2.81
C GLY B 215 -13.80 15.34 -1.78
N HIS B 216 -13.26 15.33 -0.56
CA HIS B 216 -13.69 14.50 0.59
C HIS B 216 -14.80 15.22 1.36
N HIS B 217 -14.99 16.53 1.11
CA HIS B 217 -15.94 17.39 1.86
C HIS B 217 -17.34 17.25 1.28
N ILE B 218 -18.33 17.09 2.16
CA ILE B 218 -19.78 17.14 1.82
C ILE B 218 -20.33 18.47 2.34
N PRO B 219 -20.53 19.47 1.46
CA PRO B 219 -21.04 20.77 1.90
C PRO B 219 -22.53 20.69 2.24
N PRO B 220 -23.08 21.71 2.94
CA PRO B 220 -24.50 21.72 3.30
C PRO B 220 -25.42 21.48 2.10
N HIS B 221 -26.61 20.95 2.37
CA HIS B 221 -27.70 20.76 1.38
C HIS B 221 -28.03 22.12 0.76
N PRO B 222 -28.39 22.19 -0.54
CA PRO B 222 -28.70 23.47 -1.20
C PRO B 222 -29.73 24.33 -0.45
N GLN B 223 -30.67 23.70 0.26
CA GLN B 223 -31.78 24.36 1.02
C GLN B 223 -31.22 25.11 2.23
N ASP B 224 -30.01 24.77 2.70
CA ASP B 224 -29.40 25.39 3.91
C ASP B 224 -28.38 26.48 3.50
N VAL B 225 -28.11 26.67 2.21
CA VAL B 225 -27.01 27.54 1.70
C VAL B 225 -27.33 29.01 2.03
N GLU B 226 -28.56 29.47 1.74
CA GLU B 226 -28.98 30.87 2.00
C GLU B 226 -28.66 31.24 3.46
N LYS B 227 -29.13 30.42 4.41
CA LYS B 227 -28.99 30.65 5.87
C LYS B 227 -27.51 30.67 6.29
N GLN B 228 -26.72 29.72 5.79
CA GLN B 228 -25.28 29.62 6.13
C GLN B 228 -24.54 30.84 5.55
N MET B 229 -24.92 31.30 4.36
CA MET B 229 -24.30 32.49 3.72
C MET B 229 -24.66 33.75 4.51
N GLN B 230 -25.87 33.82 5.08
CA GLN B 230 -26.30 34.98 5.90
C GLN B 230 -25.48 35.02 7.19
N GLU B 231 -25.29 33.86 7.83
CA GLU B 231 -24.42 33.73 9.03
C GLU B 231 -22.98 34.11 8.66
N PHE B 232 -22.50 33.67 7.50
CA PHE B 232 -21.12 33.92 6.99
C PHE B 232 -20.85 35.41 6.87
N VAL B 233 -21.71 36.14 6.14
N VAL B 233 -21.72 36.13 6.14
CA VAL B 233 -21.49 37.59 5.85
CA VAL B 233 -21.56 37.57 5.83
C VAL B 233 -21.69 38.39 7.14
C VAL B 233 -21.72 38.40 7.10
N GLN B 234 -22.62 37.99 8.01
CA GLN B 234 -22.78 38.64 9.34
C GLN B 234 -21.44 38.56 10.09
N TRP B 235 -20.79 37.39 10.07
CA TRP B 235 -19.44 37.21 10.66
C TRP B 235 -18.42 38.11 9.95
N LEU B 236 -18.41 38.13 8.61
CA LEU B 236 -17.47 38.97 7.80
C LEU B 236 -17.47 40.41 8.32
N ASN B 237 -18.64 40.94 8.69
CA ASN B 237 -18.84 42.37 9.06
C ASN B 237 -18.85 42.52 10.58
N SER B 238 -18.57 41.45 11.33
CA SER B 238 -18.61 41.44 12.82
C SER B 238 -17.35 42.11 13.38
N GLU B 239 -17.48 42.71 14.57
CA GLU B 239 -16.37 43.34 15.36
C GLU B 239 -15.30 42.28 15.64
N GLU B 240 -15.73 41.08 16.03
CA GLU B 240 -14.88 39.89 16.32
C GLU B 240 -13.93 39.61 15.16
N ALA B 241 -14.46 39.57 13.92
CA ALA B 241 -13.70 39.26 12.68
C ALA B 241 -12.67 40.37 12.39
N MET B 242 -13.02 41.64 12.63
CA MET B 242 -12.16 42.80 12.31
C MET B 242 -11.08 42.98 13.40
N ASN B 243 -11.23 42.32 14.55
CA ASN B 243 -10.21 42.28 15.63
C ASN B 243 -9.17 41.18 15.35
N LEU B 244 -9.45 40.24 14.46
CA LEU B 244 -8.48 39.20 14.05
C LEU B 244 -7.35 39.87 13.23
N HIS B 245 -6.16 39.27 13.24
CA HIS B 245 -5.08 39.62 12.28
C HIS B 245 -5.63 39.43 10.88
N PRO B 246 -5.43 40.38 9.94
CA PRO B 246 -5.95 40.26 8.58
C PRO B 246 -5.68 38.91 7.89
N VAL B 247 -4.53 38.28 8.16
CA VAL B 247 -4.16 36.99 7.51
C VAL B 247 -5.08 35.88 8.04
N GLU B 248 -5.36 35.85 9.35
CA GLU B 248 -6.28 34.87 9.96
C GLU B 248 -7.69 35.11 9.41
N PHE B 249 -8.14 36.37 9.38
CA PHE B 249 -9.48 36.78 8.88
C PHE B 249 -9.64 36.30 7.44
N ALA B 250 -8.68 36.63 6.56
CA ALA B 250 -8.68 36.27 5.13
C ALA B 250 -8.75 34.75 4.98
N ALA B 251 -7.95 34.01 5.77
CA ALA B 251 -7.86 32.53 5.74
C ALA B 251 -9.20 31.92 6.18
N LEU B 252 -9.73 32.37 7.32
CA LEU B 252 -11.03 31.88 7.85
C LEU B 252 -12.16 32.18 6.84
N ALA B 253 -12.15 33.36 6.21
CA ALA B 253 -13.16 33.76 5.21
C ALA B 253 -13.09 32.78 4.02
N HIS B 254 -11.89 32.51 3.53
CA HIS B 254 -11.63 31.50 2.46
C HIS B 254 -12.28 30.17 2.88
N TYR B 255 -11.90 29.64 4.05
CA TYR B 255 -12.33 28.28 4.47
C TYR B 255 -13.86 28.26 4.61
N LYS B 256 -14.43 29.25 5.28
CA LYS B 256 -15.89 29.26 5.59
C LYS B 256 -16.69 29.24 4.28
N LEU B 257 -16.22 29.91 3.23
CA LEU B 257 -16.96 29.99 1.95
C LEU B 257 -16.86 28.65 1.20
N VAL B 258 -15.68 28.01 1.14
CA VAL B 258 -15.53 26.69 0.45
C VAL B 258 -16.22 25.60 1.27
N TYR B 259 -16.30 25.73 2.60
CA TYR B 259 -17.07 24.80 3.46
C TYR B 259 -18.54 24.82 3.02
N ILE B 260 -19.12 26.01 2.87
CA ILE B 260 -20.54 26.19 2.45
C ILE B 260 -20.65 25.74 0.98
N ALA B 261 -19.65 26.08 0.16
CA ALA B 261 -19.60 25.76 -1.29
C ALA B 261 -20.93 26.15 -1.94
N PRO B 262 -21.33 27.44 -1.88
CA PRO B 262 -22.69 27.85 -2.23
C PRO B 262 -23.03 27.73 -3.73
N PHE B 263 -22.02 27.64 -4.59
CA PHE B 263 -22.17 27.63 -6.07
C PHE B 263 -21.99 26.20 -6.58
N ILE B 264 -22.52 25.92 -7.79
CA ILE B 264 -22.38 24.59 -8.44
C ILE B 264 -20.90 24.39 -8.81
N ASP B 265 -20.20 25.47 -9.15
CA ASP B 265 -18.76 25.45 -9.52
C ASP B 265 -18.18 26.86 -9.32
N GLY B 266 -16.86 26.96 -9.22
CA GLY B 266 -16.11 28.22 -9.05
C GLY B 266 -16.03 28.66 -7.60
N ASN B 267 -16.27 27.74 -6.65
CA ASN B 267 -16.21 28.05 -5.19
C ASN B 267 -14.76 28.38 -4.80
N GLY B 268 -13.79 27.64 -5.35
CA GLY B 268 -12.36 27.85 -5.07
C GLY B 268 -11.88 29.19 -5.58
N ARG B 269 -12.14 29.45 -6.86
CA ARG B 269 -11.75 30.72 -7.54
C ARG B 269 -12.39 31.91 -6.80
N THR B 270 -13.68 31.82 -6.44
CA THR B 270 -14.43 32.91 -5.76
C THR B 270 -13.83 33.16 -4.37
N SER B 271 -13.56 32.09 -3.62
CA SER B 271 -13.04 32.15 -2.23
C SER B 271 -11.63 32.76 -2.19
N ARG B 272 -10.78 32.43 -3.16
CA ARG B 272 -9.40 32.98 -3.27
C ARG B 272 -9.50 34.48 -3.61
N LEU B 273 -10.46 34.89 -4.44
CA LEU B 273 -10.72 36.33 -4.73
C LEU B 273 -11.20 37.04 -3.45
N LEU B 274 -12.12 36.44 -2.68
CA LEU B 274 -12.64 37.06 -1.43
C LEU B 274 -11.49 37.22 -0.43
N MET B 275 -10.66 36.18 -0.28
CA MET B 275 -9.46 36.20 0.60
C MET B 275 -8.60 37.42 0.24
N ASN B 276 -8.37 37.64 -1.06
CA ASN B 276 -7.50 38.75 -1.54
C ASN B 276 -8.22 40.10 -1.36
N LEU B 277 -9.55 40.16 -1.50
CA LEU B 277 -10.33 41.39 -1.23
C LEU B 277 -10.11 41.80 0.23
N ILE B 278 -10.23 40.85 1.16
CA ILE B 278 -10.07 41.11 2.63
C ILE B 278 -8.65 41.62 2.90
N LEU B 279 -7.63 40.95 2.34
CA LEU B 279 -6.20 41.32 2.54
C LEU B 279 -5.97 42.75 2.01
N MET B 280 -6.46 43.04 0.80
CA MET B 280 -6.21 44.35 0.12
C MET B 280 -7.00 45.46 0.84
N GLN B 281 -8.17 45.16 1.39
CA GLN B 281 -8.97 46.12 2.19
C GLN B 281 -8.21 46.44 3.49
N ALA B 282 -7.34 45.54 3.96
CA ALA B 282 -6.49 45.71 5.17
C ALA B 282 -5.12 46.29 4.81
N GLY B 283 -4.82 46.50 3.52
CA GLY B 283 -3.56 47.13 3.04
C GLY B 283 -2.47 46.11 2.75
N TYR B 284 -2.79 44.81 2.72
CA TYR B 284 -1.86 43.71 2.35
C TYR B 284 -1.95 43.51 0.84
N PRO B 285 -0.86 43.17 0.13
CA PRO B 285 -0.95 42.77 -1.27
C PRO B 285 -1.78 41.50 -1.46
N PRO B 286 -2.35 41.28 -2.66
CA PRO B 286 -3.05 40.03 -2.95
C PRO B 286 -2.01 38.90 -2.97
N ILE B 287 -2.39 37.72 -2.49
CA ILE B 287 -1.50 36.53 -2.38
C ILE B 287 -1.94 35.49 -3.40
N THR B 288 -1.03 34.60 -3.81
CA THR B 288 -1.31 33.48 -4.73
C THR B 288 -1.02 32.16 -4.01
N ILE B 289 -1.94 31.21 -4.14
CA ILE B 289 -1.73 29.76 -3.84
C ILE B 289 -1.28 29.13 -5.17
N ARG B 290 -0.04 28.66 -5.23
CA ARG B 290 0.59 28.15 -6.48
C ARG B 290 -0.02 26.77 -6.78
N LYS B 291 -0.15 26.41 -8.06
CA LYS B 291 -0.78 25.14 -8.48
C LYS B 291 0.03 23.96 -7.90
N GLU B 292 1.35 24.15 -7.73
CA GLU B 292 2.28 23.11 -7.19
C GLU B 292 1.96 22.83 -5.72
N GLN B 293 1.29 23.75 -5.02
CA GLN B 293 0.90 23.60 -3.58
C GLN B 293 -0.46 22.89 -3.44
N ARG B 294 -1.07 22.47 -4.54
CA ARG B 294 -2.45 21.91 -4.60
C ARG B 294 -2.66 20.82 -3.54
N SER B 295 -1.76 19.83 -3.45
CA SER B 295 -1.90 18.68 -2.52
C SER B 295 -1.83 19.14 -1.06
N ASP B 296 -0.89 20.03 -0.75
N ASP B 296 -0.90 20.04 -0.74
CA ASP B 296 -0.78 20.66 0.60
CA ASP B 296 -0.78 20.66 0.60
C ASP B 296 -2.08 21.41 0.91
C ASP B 296 -2.08 21.41 0.92
N TYR B 297 -2.62 22.14 -0.06
CA TYR B 297 -3.88 22.93 0.03
C TYR B 297 -5.06 22.03 0.41
N TYR B 298 -5.26 20.93 -0.33
CA TYR B 298 -6.32 19.94 -0.05
C TYR B 298 -6.10 19.33 1.33
N HIS B 299 -4.84 19.02 1.68
CA HIS B 299 -4.46 18.37 2.96
C HIS B 299 -4.87 19.27 4.15
N VAL B 300 -4.56 20.57 4.11
CA VAL B 300 -4.88 21.50 5.23
C VAL B 300 -6.39 21.79 5.24
N LEU B 301 -7.05 21.81 4.07
CA LEU B 301 -8.54 21.94 3.99
C LEU B 301 -9.19 20.74 4.67
N GLU B 302 -8.67 19.54 4.42
CA GLU B 302 -9.16 18.28 5.03
C GLU B 302 -8.94 18.34 6.55
N ALA B 303 -7.81 18.88 7.02
CA ALA B 303 -7.52 19.03 8.47
C ALA B 303 -8.56 19.96 9.10
N ALA B 304 -8.95 21.03 8.40
CA ALA B 304 -10.00 21.97 8.82
C ALA B 304 -11.36 21.24 8.91
N ASN B 305 -11.69 20.40 7.92
CA ASN B 305 -12.94 19.58 7.92
C ASN B 305 -12.99 18.75 9.21
N GLU B 306 -11.82 18.29 9.68
CA GLU B 306 -11.71 17.37 10.85
C GLU B 306 -11.64 18.15 12.17
N GLY B 307 -11.67 19.49 12.13
CA GLY B 307 -11.95 20.34 13.31
C GLY B 307 -10.78 21.20 13.78
N ASP B 308 -9.69 21.28 13.02
CA ASP B 308 -8.58 22.22 13.33
C ASP B 308 -8.24 23.02 12.06
N VAL B 309 -8.66 24.29 12.02
CA VAL B 309 -8.47 25.19 10.85
C VAL B 309 -7.08 25.84 10.91
N ARG B 310 -6.32 25.65 11.99
CA ARG B 310 -5.03 26.36 12.21
C ARG B 310 -4.01 25.95 11.16
N PRO B 311 -3.83 24.65 10.82
CA PRO B 311 -2.97 24.28 9.69
C PRO B 311 -3.31 25.07 8.40
N PHE B 312 -4.60 25.29 8.12
CA PHE B 312 -5.05 26.10 6.96
C PHE B 312 -4.60 27.57 7.13
N ILE B 313 -4.80 28.16 8.30
CA ILE B 313 -4.36 29.56 8.59
C ILE B 313 -2.85 29.67 8.35
N ARG B 314 -2.07 28.71 8.86
CA ARG B 314 -0.58 28.71 8.78
C ARG B 314 -0.16 28.55 7.30
N PHE B 315 -0.90 27.75 6.54
CA PHE B 315 -0.66 27.53 5.08
C PHE B 315 -0.86 28.85 4.33
N ILE B 316 -1.96 29.54 4.61
CA ILE B 316 -2.29 30.87 3.99
C ILE B 316 -1.21 31.88 4.41
N ALA B 317 -0.80 31.90 5.67
CA ALA B 317 0.29 32.77 6.18
C ALA B 317 1.58 32.52 5.37
N LYS B 318 1.94 31.25 5.14
CA LYS B 318 3.15 30.87 4.36
C LYS B 318 3.01 31.35 2.91
N CYS B 319 1.83 31.19 2.30
CA CYS B 319 1.55 31.72 0.93
C CYS B 319 1.75 33.24 0.92
N THR B 320 1.29 33.92 1.98
CA THR B 320 1.42 35.39 2.15
C THR B 320 2.91 35.76 2.20
N GLU B 321 3.69 35.08 3.05
CA GLU B 321 5.14 35.36 3.19
C GLU B 321 5.83 35.17 1.82
N THR B 322 5.50 34.10 1.10
CA THR B 322 6.11 33.75 -0.21
C THR B 322 5.81 34.86 -1.22
N THR B 323 4.56 35.32 -1.29
CA THR B 323 4.14 36.44 -2.16
C THR B 323 5.01 37.68 -1.87
N LEU B 324 5.16 38.01 -0.58
CA LEU B 324 5.91 39.19 -0.12
C LEU B 324 7.40 39.03 -0.48
N ASP B 325 7.96 37.83 -0.24
CA ASP B 325 9.39 37.51 -0.55
C ASP B 325 9.63 37.68 -2.06
N THR B 326 8.68 37.26 -2.90
CA THR B 326 8.77 37.35 -4.39
C THR B 326 8.79 38.81 -4.82
N LEU B 327 7.85 39.64 -4.33
CA LEU B 327 7.79 41.10 -4.61
C LEU B 327 9.10 41.77 -4.21
N LEU B 328 9.61 41.46 -3.01
CA LEU B 328 10.81 42.10 -2.40
C LEU B 328 12.06 41.68 -3.17
N PHE B 329 12.19 40.40 -3.54
CA PHE B 329 13.35 39.91 -4.32
C PHE B 329 13.38 40.62 -5.68
N ALA B 330 12.21 40.73 -6.34
CA ALA B 330 12.08 41.26 -7.72
C ALA B 330 12.33 42.79 -7.76
N THR B 331 12.17 43.48 -6.64
CA THR B 331 12.26 44.98 -6.56
C THR B 331 13.53 45.41 -5.81
N THR B 332 14.41 44.47 -5.46
CA THR B 332 15.73 44.75 -4.85
C THR B 332 16.52 45.66 -5.79
N GLU B 333 17.08 46.75 -5.26
CA GLU B 333 18.04 47.65 -5.95
C GLU B 333 19.44 47.27 -5.47
N TYR B 334 20.34 46.95 -6.42
CA TYR B 334 21.75 46.60 -6.16
C TYR B 334 22.60 47.86 -6.31
N SER B 335 23.08 48.39 -5.19
CA SER B 335 23.79 49.69 -5.07
C SER B 335 25.09 49.68 -5.89
N VAL B 336 25.45 50.84 -6.44
CA VAL B 336 26.73 51.07 -7.17
C VAL B 336 27.63 51.88 -6.23
N ALA B 337 28.86 51.40 -5.99
CA ALA B 337 29.83 52.05 -5.07
C ALA B 337 30.96 52.68 -5.88
N LEU B 338 31.44 53.84 -5.43
CA LEU B 338 32.73 54.43 -5.88
C LEU B 338 33.87 53.56 -5.35
N PRO B 339 34.88 53.21 -6.17
CA PRO B 339 36.10 52.57 -5.67
C PRO B 339 36.81 53.46 -4.63
N GLU B 340 36.83 54.77 -4.88
CA GLU B 340 37.37 55.80 -3.95
C GLU B 340 38.84 55.49 -3.66
P AMP C . -15.45 23.81 -6.70
O1P AMP C . -14.71 23.35 -7.93
O2P AMP C . -16.47 24.90 -6.96
O5' AMP C . -14.41 24.41 -5.64
C5' AMP C . -13.17 23.71 -5.43
C4' AMP C . -12.50 24.31 -4.21
O4' AMP C . -13.00 23.68 -3.02
C3' AMP C . -10.98 24.14 -4.11
O3' AMP C . -10.30 25.11 -4.87
C2' AMP C . -10.77 24.37 -2.61
O2' AMP C . -10.69 25.76 -2.34
C1' AMP C . -12.04 23.79 -1.99
N9 AMP C . -11.85 22.49 -1.37
C8 AMP C . -11.15 21.41 -1.85
N7 AMP C . -11.13 20.39 -1.03
C5 AMP C . -11.85 20.83 0.07
C6 AMP C . -12.19 20.22 1.30
N6 AMP C . -11.82 18.99 1.63
N1 AMP C . -12.90 20.93 2.20
C2 AMP C . -13.26 22.18 1.86
N3 AMP C . -13.00 22.86 0.75
C4 AMP C . -12.29 22.12 -0.12
MG MG D . 8.22 -22.94 3.89
P PO4 E . 7.38 -22.51 0.69
O1 PO4 E . 7.96 -23.06 -0.60
O2 PO4 E . 7.06 -21.01 0.50
O3 PO4 E . 8.38 -22.65 1.83
O4 PO4 E . 6.08 -23.24 1.02
K K F . 10.13 -20.64 1.63
K K G . 11.47 -22.02 -11.43
K K H . 12.73 -18.74 -10.62
O19 P33 I . -18.93 28.64 7.10
C18 P33 I . -18.68 27.34 7.62
C17 P33 I . -18.24 27.44 9.04
O16 P33 I . -17.29 26.41 9.30
C15 P33 I . -16.52 26.66 10.48
C14 P33 I . -15.26 27.36 10.11
O13 P33 I . -14.25 27.08 11.07
C12 P33 I . -13.41 28.19 11.36
C11 P33 I . -13.67 28.68 12.75
O10 P33 I . -14.06 30.04 12.70
C9 P33 I . -14.35 30.62 13.97
C8 P33 I . -15.22 31.81 13.79
O7 P33 I . -16.59 31.39 13.79
C6 P33 I . -17.51 32.42 13.43
C5 P33 I . -18.82 31.80 13.02
O4 P33 I . -19.08 32.11 11.66
C3 P33 I . -19.52 30.99 10.88
C2 P33 I . -19.86 31.44 9.50
O1 P33 I . -19.66 30.43 8.52
O19 P33 J . 15.03 14.55 20.95
C18 P33 J . 15.75 14.23 22.14
C17 P33 J . 15.09 14.90 23.31
O16 P33 J . 15.19 14.05 24.47
C15 P33 J . 13.94 13.60 24.97
C14 P33 J . 14.04 13.32 26.44
O13 P33 J . 13.00 13.97 27.15
C12 P33 J . 13.14 15.39 27.21
C11 P33 J . 12.32 15.95 28.34
O10 P33 J . 11.20 16.67 27.83
C9 P33 J . 11.56 17.93 27.23
C8 P33 J . 10.31 18.74 27.00
O7 P33 J . 9.22 17.87 26.67
C6 P33 J . 7.96 18.31 27.17
C5 P33 J . 7.34 17.23 27.99
O4 P33 J . 6.25 17.75 28.72
C3 P33 J . 6.51 17.92 30.12
C2 P33 J . 7.07 19.29 30.38
O1 P33 J . 7.12 19.59 31.77
C1 PEG K . -21.12 42.02 -16.34
O1 PEG K . -22.34 42.36 -16.94
C2 PEG K . -21.17 40.70 -15.66
O2 PEG K . -20.35 39.76 -16.35
C3 PEG K . -20.99 38.54 -16.65
C4 PEG K . -20.68 38.13 -18.06
O4 PEG K . -21.52 37.11 -18.52
C1 PEG L . -1.22 48.78 6.98
O1 PEG L . -0.79 49.63 5.93
C2 PEG L . -1.05 47.33 6.65
O2 PEG L . 0.15 46.82 7.23
C3 PEG L . -0.03 46.35 8.56
C4 PEG L . 1.30 46.16 9.22
O4 PEG L . 1.25 46.38 10.62
MG MG M . -14.46 23.58 -9.97
#